data_9FYO
#
_entry.id   9FYO
#
_cell.length_a   90.759
_cell.length_b   93.686
_cell.length_c   94.037
_cell.angle_alpha   90.000
_cell.angle_beta   90.000
_cell.angle_gamma   90.000
#
_symmetry.space_group_name_H-M   'P 21 21 21'
#
loop_
_entity.id
_entity.type
_entity.pdbx_description
1 polymer TrpyGH20
2 branched beta-D-galactopyranose-(1-3)-2-acetamido-2-deoxy-beta-D-glucopyranose
3 non-polymer 'NICKEL (II) ION'
4 water water
#
_entity_poly.entity_id   1
_entity_poly.type   'polypeptide(L)'
_entity_poly.pdbx_seq_one_letter_code
;MGSSHHHHHHSSGLVPRGSHMIPALTSNFKAAEGSWTATQGITVVRPEKFAASAQLLVDELNAYTKGTAIKGATAGTGIE
IVLDENQKADLGAEGYTLTIAESGVKITAAAQRGAFWGTRTLSQMLRQNLTLPAGSVTDKPAYAERGVTLCACQINFSTE
WIDRFLNEMADLKLNSVLMEMKLKSDKFPVANTFSYYSRDDVKKFVKKAEAYGIDVIPEINSPGHMNIWLENLPDFQLKD
QSGKGNADRLDITNPEAIKFYKTLIDEYDGVFSTKYWHMGADEYMMGASYYSYPQLAKYAQQVTGKANATGADAFTYFIN
DINNYVKAKGKTLRIWNDGIVSTRAVTLDKDIVVEHWLGSGRSPNELANDGYKLVNANLNLYFARLSPYPIQKNGPAFLY
NDPSFGVDVFQGPYSRSIKVKKAENILGAKLSIWPDNGVKQTENEVEADVYEAMRYVAQITWGGGNPADNPTYADFKEKR
VDKVKRSPMWNNINRKPLEDGVYTIAQPDGKDLQLSGNASLGGNDEWTLTSTPDHYYQLKNMTSNECLSVVSGYKHLSTV
TQVGARPEARPCVDVSQTFTGNQTGNVGYEERNPQKWMLLDAGDGKFKVVNAVTLQRLAVAKGTEEHIDFTTFNGVAKDT
KPAAGEIVQFPDDMTDDVWTIKPSTRSISAIAEATPKQAYASKDGSGASTIDVTVANNSKEKVSNVVVTPPVKRGWHIDK
EPKTIAHIAPGESAKVSFQVSPEWYRGDAQFEFIVTAGDEVTKASAKVKAI
;
_entity_poly.pdbx_strand_id   A
#
loop_
_chem_comp.id
_chem_comp.type
_chem_comp.name
_chem_comp.formula
GAL D-saccharide, beta linking beta-D-galactopyranose 'C6 H12 O6'
NAG D-saccharide, beta linking 2-acetamido-2-deoxy-beta-D-glucopyranose 'C8 H15 N O6'
NI non-polymer 'NICKEL (II) ION' 'Ni 2'
#
# COMPACT_ATOMS: atom_id res chain seq x y z
N GLY A 13 28.84 23.30 -3.08
CA GLY A 13 29.09 22.53 -1.87
C GLY A 13 27.93 22.50 -0.88
N LEU A 14 27.88 21.44 -0.06
CA LEU A 14 26.85 21.30 0.98
C LEU A 14 27.42 21.89 2.25
N VAL A 15 27.20 23.18 2.42
CA VAL A 15 27.51 23.87 3.66
C VAL A 15 26.35 24.51 4.45
N PRO A 16 26.32 24.41 5.79
CA PRO A 16 27.07 23.54 6.70
C PRO A 16 27.15 22.04 6.41
N ARG A 17 28.21 21.31 6.73
CA ARG A 17 28.33 19.93 6.29
C ARG A 17 27.32 19.08 7.07
N GLY A 18 26.43 18.41 6.34
CA GLY A 18 25.48 17.44 6.87
C GLY A 18 24.31 18.03 7.62
N SER A 19 23.92 19.25 7.28
CA SER A 19 22.83 19.93 7.93
C SER A 19 21.51 19.75 7.18
N HIS A 20 21.53 19.06 6.01
CA HIS A 20 20.34 18.84 5.20
C HIS A 20 20.28 17.36 4.87
N MET A 21 20.09 16.51 5.88
CA MET A 21 19.97 15.07 5.68
C MET A 21 19.19 14.44 6.79
N ILE A 22 18.60 13.31 6.47
CA ILE A 22 17.84 12.56 7.46
C ILE A 22 18.21 11.09 7.33
N PRO A 23 18.67 10.42 8.41
CA PRO A 23 18.93 10.98 9.75
C PRO A 23 20.12 11.92 9.75
N ALA A 24 20.16 12.89 10.66
CA ALA A 24 21.33 13.73 10.87
C ALA A 24 22.51 12.87 11.31
N LEU A 25 23.72 13.36 11.06
CA LEU A 25 24.90 12.61 11.48
C LEU A 25 25.01 12.65 13.00
N THR A 26 25.48 11.54 13.58
CA THR A 26 25.53 11.43 15.02
C THR A 26 26.84 11.93 15.62
N SER A 27 27.79 12.35 14.79
CA SER A 27 28.97 13.09 15.21
C SER A 27 29.22 14.13 14.12
N ASN A 28 30.17 14.99 14.40
CA ASN A 28 30.44 16.13 13.56
C ASN A 28 31.28 15.75 12.34
N PHE A 29 30.92 16.33 11.18
CA PHE A 29 31.69 16.16 9.95
C PHE A 29 32.91 17.07 10.01
N LYS A 30 34.08 16.47 10.14
CA LYS A 30 35.33 17.19 10.23
C LYS A 30 35.78 17.65 8.86
N ALA A 31 35.91 18.96 8.68
CA ALA A 31 36.22 19.50 7.37
C ALA A 31 37.68 19.29 7.03
N ALA A 32 37.97 19.16 5.74
CA ALA A 32 39.34 19.05 5.26
C ALA A 32 39.51 19.95 4.03
N GLU A 33 40.74 20.00 3.51
CA GLU A 33 41.04 20.90 2.41
C GLU A 33 40.44 20.34 1.13
N GLY A 34 39.87 21.22 0.33
CA GLY A 34 39.44 20.88 -1.00
C GLY A 34 38.03 20.32 -1.09
N SER A 35 37.78 19.66 -2.21
CA SER A 35 36.46 19.10 -2.51
C SER A 35 36.60 17.94 -3.47
N TRP A 36 35.46 17.31 -3.76
CA TRP A 36 35.36 16.22 -4.72
C TRP A 36 34.04 16.33 -5.45
N THR A 37 34.05 16.14 -6.77
CA THR A 37 32.85 16.31 -7.59
C THR A 37 32.51 15.00 -8.28
N ALA A 38 31.27 14.56 -8.16
CA ALA A 38 30.81 13.43 -8.96
C ALA A 38 30.67 13.80 -10.43
N THR A 39 31.22 12.95 -11.31
CA THR A 39 31.06 13.12 -12.74
C THR A 39 30.75 11.77 -13.37
N GLN A 40 30.50 11.77 -14.69
CA GLN A 40 30.29 10.53 -15.42
C GLN A 40 31.56 9.73 -15.61
N GLY A 41 32.66 10.22 -15.08
CA GLY A 41 33.92 9.50 -15.10
C GLY A 41 34.20 8.63 -13.92
N ILE A 42 33.34 8.65 -12.92
CA ILE A 42 33.67 7.97 -11.68
C ILE A 42 33.18 6.54 -11.73
N THR A 43 33.71 5.75 -10.80
CA THR A 43 33.30 4.37 -10.60
C THR A 43 32.99 4.15 -9.13
N VAL A 44 32.04 3.26 -8.88
CA VAL A 44 31.77 2.77 -7.54
C VAL A 44 32.58 1.49 -7.39
N VAL A 45 33.68 1.56 -6.63
CA VAL A 45 34.59 0.45 -6.46
C VAL A 45 34.10 -0.26 -5.19
N ARG A 46 33.77 -1.55 -5.31
CA ARG A 46 33.23 -2.28 -4.17
C ARG A 46 33.53 -3.75 -4.39
N PRO A 47 33.67 -4.52 -3.32
CA PRO A 47 33.86 -5.96 -3.50
C PRO A 47 32.60 -6.62 -4.05
N GLU A 48 32.78 -7.77 -4.72
CA GLU A 48 31.65 -8.38 -5.40
C GLU A 48 30.52 -8.78 -4.47
N LYS A 49 30.81 -9.13 -3.24
CA LYS A 49 29.72 -9.50 -2.38
C LYS A 49 28.83 -8.32 -2.06
N PHE A 50 29.31 -7.10 -2.28
CA PHE A 50 28.49 -5.92 -2.03
C PHE A 50 27.83 -5.38 -3.29
N ALA A 51 27.89 -6.13 -4.39
CA ALA A 51 27.42 -5.59 -5.66
C ALA A 51 25.96 -5.19 -5.55
N ALA A 52 25.14 -6.09 -5.01
CA ALA A 52 23.70 -5.82 -4.97
C ALA A 52 23.39 -4.61 -4.09
N SER A 53 24.17 -4.43 -3.03
CA SER A 53 23.90 -3.29 -2.16
C SER A 53 24.33 -2.01 -2.85
N ALA A 54 25.41 -2.06 -3.64
CA ALA A 54 25.85 -0.87 -4.35
C ALA A 54 24.98 -0.51 -5.56
N GLN A 55 24.15 -1.44 -6.08
CA GLN A 55 23.48 -1.12 -7.34
C GLN A 55 22.66 0.17 -7.22
N LEU A 56 21.96 0.33 -6.10
CA LEU A 56 21.16 1.53 -5.92
C LEU A 56 22.00 2.78 -6.08
N LEU A 57 23.16 2.82 -5.42
CA LEU A 57 24.03 3.99 -5.53
C LEU A 57 24.47 4.20 -6.96
N VAL A 58 24.82 3.12 -7.65
CA VAL A 58 25.25 3.27 -9.04
C VAL A 58 24.16 3.93 -9.85
N ASP A 59 22.91 3.41 -9.72
CA ASP A 59 21.81 3.96 -10.49
C ASP A 59 21.56 5.42 -10.12
N GLU A 60 21.70 5.74 -8.84
CA GLU A 60 21.48 7.12 -8.44
C GLU A 60 22.53 8.02 -9.03
N LEU A 61 23.79 7.57 -8.99
CA LEU A 61 24.87 8.38 -9.55
C LEU A 61 24.62 8.69 -11.03
N ASN A 62 24.17 7.68 -11.79
CA ASN A 62 23.85 7.97 -13.19
C ASN A 62 22.70 8.95 -13.31
N ALA A 63 21.69 8.84 -12.46
CA ALA A 63 20.63 9.83 -12.46
C ALA A 63 21.19 11.21 -12.16
N TYR A 64 22.01 11.31 -11.10
CA TYR A 64 22.50 12.62 -10.67
C TYR A 64 23.35 13.33 -11.72
N THR A 65 24.26 12.60 -12.37
CA THR A 65 25.22 13.16 -13.33
C THR A 65 24.70 13.13 -14.75
N LYS A 66 23.44 12.71 -14.95
CA LYS A 66 22.77 12.80 -16.26
C LYS A 66 23.53 12.06 -17.33
N GLY A 67 23.84 10.80 -17.04
CA GLY A 67 24.48 9.91 -17.98
C GLY A 67 24.17 8.48 -17.61
N THR A 68 24.91 7.56 -18.23
CA THR A 68 24.67 6.15 -17.99
C THR A 68 25.95 5.32 -17.90
N ALA A 69 27.12 5.93 -17.74
CA ALA A 69 28.37 5.21 -17.87
C ALA A 69 28.91 4.69 -16.54
N ILE A 70 28.36 5.16 -15.41
CA ILE A 70 28.89 4.74 -14.11
C ILE A 70 28.49 3.30 -13.84
N LYS A 71 29.47 2.51 -13.39
CA LYS A 71 29.27 1.11 -13.06
C LYS A 71 29.79 0.80 -11.66
N GLY A 72 29.36 -0.36 -11.15
CA GLY A 72 29.97 -0.94 -9.97
C GLY A 72 30.99 -1.95 -10.42
N ALA A 73 32.17 -1.89 -9.79
CA ALA A 73 33.28 -2.71 -10.21
C ALA A 73 34.17 -2.99 -9.00
N THR A 74 35.03 -3.98 -9.14
CA THR A 74 35.98 -4.31 -8.09
C THR A 74 37.20 -3.41 -8.12
N ALA A 75 37.38 -2.63 -9.19
CA ALA A 75 38.50 -1.70 -9.30
C ALA A 75 38.04 -0.45 -10.05
N GLY A 76 38.72 0.66 -9.78
CA GLY A 76 38.36 1.91 -10.41
C GLY A 76 38.63 3.08 -9.48
N THR A 77 38.12 4.24 -9.90
CA THR A 77 38.31 5.51 -9.21
C THR A 77 36.98 6.20 -8.96
N GLY A 78 36.86 6.82 -7.79
CA GLY A 78 35.65 7.55 -7.49
C GLY A 78 35.15 7.38 -6.07
N ILE A 79 34.31 6.37 -5.85
CA ILE A 79 33.74 6.05 -4.55
C ILE A 79 34.21 4.64 -4.24
N GLU A 80 34.97 4.48 -3.15
CA GLU A 80 35.46 3.18 -2.71
C GLU A 80 34.68 2.74 -1.49
N ILE A 81 34.26 1.49 -1.50
CA ILE A 81 33.55 0.88 -0.39
C ILE A 81 34.41 -0.26 0.13
N VAL A 82 34.72 -0.24 1.42
CA VAL A 82 35.63 -1.20 2.01
C VAL A 82 34.92 -1.87 3.18
N LEU A 83 34.84 -3.20 3.15
CA LEU A 83 34.31 -3.95 4.28
C LEU A 83 35.46 -4.55 5.09
N ASP A 84 35.59 -4.15 6.35
CA ASP A 84 36.74 -4.52 7.16
C ASP A 84 36.24 -4.97 8.52
N GLU A 85 36.31 -6.28 8.76
CA GLU A 85 35.80 -6.84 10.01
C GLU A 85 36.55 -6.29 11.21
N ASN A 86 37.82 -5.89 11.00
CA ASN A 86 38.63 -5.35 12.08
C ASN A 86 38.00 -4.14 12.76
N GLN A 87 37.05 -3.47 12.09
CA GLN A 87 36.39 -2.27 12.60
C GLN A 87 35.12 -2.60 13.37
N LYS A 88 34.90 -3.89 13.66
CA LYS A 88 33.62 -4.29 14.26
C LYS A 88 33.41 -3.67 15.63
N ALA A 89 34.48 -3.54 16.42
CA ALA A 89 34.33 -2.97 17.74
C ALA A 89 34.01 -1.48 17.71
N ASP A 90 34.62 -0.75 16.77
CA ASP A 90 34.39 0.71 16.73
C ASP A 90 33.08 1.10 16.07
N LEU A 91 32.68 0.39 15.03
CA LEU A 91 31.54 0.80 14.23
C LEU A 91 30.30 -0.04 14.49
N GLY A 92 30.47 -1.21 15.07
CA GLY A 92 29.36 -2.11 15.28
C GLY A 92 28.91 -2.65 13.94
N ALA A 93 27.73 -3.25 13.96
CA ALA A 93 27.17 -3.91 12.80
C ALA A 93 26.59 -2.95 11.80
N GLU A 94 26.36 -1.69 12.19
CA GLU A 94 25.70 -0.75 11.30
C GLU A 94 26.41 0.59 11.19
N GLY A 95 27.53 0.79 11.88
CA GLY A 95 28.23 2.05 11.78
C GLY A 95 29.12 2.14 10.56
N TYR A 96 29.47 3.37 10.20
CA TYR A 96 30.32 3.59 9.05
C TYR A 96 31.12 4.86 9.24
N THR A 97 32.19 4.97 8.46
CA THR A 97 32.96 6.19 8.31
C THR A 97 32.89 6.64 6.86
N LEU A 98 32.55 7.90 6.64
CA LEU A 98 32.47 8.50 5.32
C LEU A 98 33.63 9.48 5.19
N THR A 99 34.47 9.30 4.17
CA THR A 99 35.66 10.13 3.95
C THR A 99 35.66 10.68 2.54
N ILE A 100 35.77 12.00 2.42
CA ILE A 100 35.79 12.72 1.16
C ILE A 100 37.13 13.42 1.03
N ALA A 101 37.82 13.20 -0.08
CA ALA A 101 39.09 13.86 -0.35
C ALA A 101 39.13 14.24 -1.82
N GLU A 102 40.08 15.12 -2.17
CA GLU A 102 40.21 15.52 -3.56
C GLU A 102 40.34 14.28 -4.43
N SER A 103 41.01 13.25 -3.90
CA SER A 103 41.25 12.01 -4.63
C SER A 103 40.00 11.13 -4.80
N GLY A 104 39.02 11.24 -3.91
CA GLY A 104 37.82 10.44 -4.03
C GLY A 104 37.16 10.19 -2.67
N VAL A 105 36.17 9.28 -2.69
CA VAL A 105 35.37 8.98 -1.52
C VAL A 105 35.69 7.57 -1.05
N LYS A 106 35.68 7.37 0.26
CA LYS A 106 35.96 6.09 0.90
C LYS A 106 34.86 5.89 1.94
N ILE A 107 34.09 4.80 1.83
CA ILE A 107 33.12 4.38 2.85
C ILE A 107 33.71 3.15 3.50
N THR A 108 33.89 3.19 4.79
CA THR A 108 34.40 2.04 5.52
C THR A 108 33.39 1.52 6.51
N ALA A 109 33.19 0.20 6.60
CA ALA A 109 32.24 -0.32 7.57
C ALA A 109 32.71 -1.72 7.94
N ALA A 110 32.18 -2.25 9.04
CA ALA A 110 32.53 -3.60 9.48
C ALA A 110 31.70 -4.66 8.78
N ALA A 111 30.55 -4.28 8.23
CA ALA A 111 29.66 -5.23 7.56
C ALA A 111 28.89 -4.50 6.46
N GLN A 112 28.12 -5.28 5.70
CA GLN A 112 27.36 -4.73 4.58
C GLN A 112 26.37 -3.66 5.05
N ARG A 113 25.66 -3.93 6.14
CA ARG A 113 24.64 -2.99 6.58
C ARG A 113 25.21 -1.59 6.74
N GLY A 114 26.33 -1.46 7.47
CA GLY A 114 26.90 -0.14 7.71
C GLY A 114 27.38 0.56 6.45
N ALA A 115 28.03 -0.18 5.56
CA ALA A 115 28.49 0.40 4.29
C ALA A 115 27.31 0.92 3.48
N PHE A 116 26.20 0.17 3.48
CA PHE A 116 25.02 0.60 2.76
C PHE A 116 24.49 1.91 3.34
N TRP A 117 24.36 1.98 4.67
CA TRP A 117 23.93 3.23 5.28
C TRP A 117 24.84 4.37 4.86
N GLY A 118 26.15 4.10 4.80
CA GLY A 118 27.08 5.09 4.29
C GLY A 118 26.73 5.54 2.88
N THR A 119 26.34 4.60 2.02
CA THR A 119 25.97 5.01 0.66
C THR A 119 24.71 5.87 0.69
N ARG A 120 23.83 5.66 1.68
CA ARG A 120 22.63 6.50 1.79
C ARG A 120 22.99 7.94 2.15
N THR A 121 23.89 8.09 3.12
CA THR A 121 24.39 9.43 3.47
C THR A 121 25.03 10.10 2.26
N LEU A 122 25.93 9.37 1.57
CA LEU A 122 26.59 9.90 0.39
C LEU A 122 25.59 10.30 -0.68
N SER A 123 24.63 9.42 -0.96
CA SER A 123 23.63 9.73 -1.97
C SER A 123 22.85 10.98 -1.59
N GLN A 124 22.43 11.09 -0.33
CA GLN A 124 21.66 12.27 0.06
C GLN A 124 22.49 13.53 -0.11
N MET A 125 23.79 13.44 0.16
CA MET A 125 24.61 14.63 -0.09
C MET A 125 24.68 14.97 -1.59
N LEU A 126 24.94 13.96 -2.44
CA LEU A 126 25.05 14.19 -3.88
C LEU A 126 23.72 14.55 -4.50
N ARG A 127 22.63 14.16 -3.85
CA ARG A 127 21.28 14.56 -4.25
C ARG A 127 21.11 16.07 -4.22
N GLN A 128 21.90 16.76 -3.42
CA GLN A 128 21.82 18.21 -3.24
C GLN A 128 22.87 19.01 -3.99
N ASN A 129 24.06 18.47 -4.11
CA ASN A 129 25.16 19.09 -4.82
C ASN A 129 26.16 18.05 -5.30
N LEU A 130 26.58 18.18 -6.56
CA LEU A 130 27.53 17.23 -7.11
C LEU A 130 28.92 17.42 -6.50
N THR A 131 29.23 18.61 -6.01
CA THR A 131 30.52 18.86 -5.37
C THR A 131 30.34 18.73 -3.87
N LEU A 132 31.12 17.86 -3.26
CA LEU A 132 31.07 17.59 -1.85
C LEU A 132 32.33 18.14 -1.19
N PRO A 133 32.20 18.78 -0.03
CA PRO A 133 33.39 19.20 0.72
C PRO A 133 34.17 18.03 1.27
N ALA A 134 35.49 18.17 1.29
CA ALA A 134 36.35 17.15 1.87
C ALA A 134 36.23 17.14 3.39
N GLY A 135 36.34 15.94 3.95
CA GLY A 135 36.24 15.77 5.39
C GLY A 135 35.88 14.34 5.70
N SER A 136 35.65 14.09 6.98
CA SER A 136 35.31 12.74 7.39
C SER A 136 34.32 12.79 8.53
N VAL A 137 33.53 11.73 8.63
CA VAL A 137 32.55 11.58 9.71
C VAL A 137 32.35 10.11 10.00
N THR A 138 32.15 9.80 11.29
CA THR A 138 31.72 8.49 11.74
C THR A 138 30.28 8.58 12.21
N ASP A 139 29.46 7.61 11.79
CA ASP A 139 28.02 7.66 11.99
C ASP A 139 27.66 6.26 12.49
N LYS A 140 26.87 6.22 13.55
CA LYS A 140 26.52 4.99 14.23
C LYS A 140 25.07 5.11 14.69
N PRO A 141 24.30 4.01 14.67
CA PRO A 141 22.90 4.11 15.04
C PRO A 141 22.75 4.03 16.55
N ALA A 142 21.76 4.77 17.06
CA ALA A 142 21.45 4.72 18.48
C ALA A 142 20.67 3.48 18.90
N TYR A 143 19.80 2.96 18.02
CA TYR A 143 18.98 1.80 18.32
C TYR A 143 19.12 0.80 17.18
N ALA A 144 18.96 -0.48 17.50
CA ALA A 144 19.26 -1.55 16.55
C ALA A 144 18.08 -1.87 15.63
N GLU A 145 16.85 -1.57 16.04
CA GLU A 145 15.66 -1.82 15.22
C GLU A 145 14.94 -0.50 15.00
N ARG A 146 14.92 -0.05 13.75
CA ARG A 146 14.34 1.22 13.30
C ARG A 146 13.30 0.84 12.25
N GLY A 147 12.03 0.84 12.66
CA GLY A 147 11.06 -0.07 12.11
C GLY A 147 9.75 0.56 11.66
N VAL A 148 9.03 -0.30 10.97
CA VAL A 148 7.68 -0.07 10.46
C VAL A 148 6.91 -1.37 10.58
N THR A 149 5.68 -1.27 11.02
CA THR A 149 4.71 -2.34 10.90
C THR A 149 3.83 -2.08 9.70
N LEU A 150 3.85 -2.98 8.72
CA LEU A 150 3.02 -2.90 7.53
C LEU A 150 2.03 -4.06 7.56
N CYS A 151 0.76 -3.74 7.83
CA CYS A 151 -0.30 -4.72 7.85
C CYS A 151 -0.84 -4.86 6.43
N ALA A 152 -0.21 -5.73 5.64
CA ALA A 152 -0.72 -6.11 4.33
C ALA A 152 -1.77 -7.22 4.51
N CYS A 153 -2.79 -6.90 5.31
CA CYS A 153 -3.65 -7.88 5.97
C CYS A 153 -5.09 -7.71 5.51
N GLN A 154 -5.73 -8.81 5.13
CA GLN A 154 -7.12 -8.81 4.66
C GLN A 154 -7.19 -8.06 3.34
N ILE A 155 -6.81 -6.78 3.34
CA ILE A 155 -6.56 -6.02 2.12
C ILE A 155 -5.10 -6.19 1.67
N ASN A 156 -4.81 -5.73 0.46
CA ASN A 156 -3.56 -6.01 -0.23
C ASN A 156 -2.79 -4.73 -0.51
N PHE A 157 -1.47 -4.85 -0.51
CA PHE A 157 -0.57 -3.85 -1.07
C PHE A 157 0.07 -4.39 -2.35
N SER A 158 -0.02 -3.61 -3.42
CA SER A 158 0.56 -4.01 -4.69
C SER A 158 2.06 -4.21 -4.50
N THR A 159 2.62 -5.16 -5.24
CA THR A 159 4.04 -5.45 -5.15
C THR A 159 4.88 -4.23 -5.49
N GLU A 160 4.37 -3.38 -6.39
CA GLU A 160 5.09 -2.17 -6.74
C GLU A 160 5.16 -1.22 -5.55
N TRP A 161 4.07 -1.13 -4.79
CA TRP A 161 4.03 -0.30 -3.59
C TRP A 161 5.06 -0.78 -2.59
N ILE A 162 5.12 -2.11 -2.38
CA ILE A 162 6.08 -2.62 -1.41
C ILE A 162 7.50 -2.33 -1.88
N ASP A 163 7.77 -2.55 -3.16
CA ASP A 163 9.11 -2.25 -3.67
C ASP A 163 9.47 -0.78 -3.42
N ARG A 164 8.55 0.15 -3.71
CA ARG A 164 8.82 1.56 -3.41
C ARG A 164 9.03 1.76 -1.92
N PHE A 165 8.24 1.09 -1.08
CA PHE A 165 8.34 1.29 0.36
C PHE A 165 9.69 0.83 0.87
N LEU A 166 10.20 -0.27 0.31
CA LEU A 166 11.54 -0.71 0.70
C LEU A 166 12.57 0.36 0.33
N ASN A 167 12.37 1.03 -0.81
CA ASN A 167 13.28 2.13 -1.13
C ASN A 167 13.13 3.31 -0.15
N GLU A 168 11.88 3.67 0.18
CA GLU A 168 11.62 4.71 1.17
C GLU A 168 12.30 4.42 2.49
N MET A 169 12.14 3.22 3.02
CA MET A 169 12.78 2.88 4.28
C MET A 169 14.29 2.92 4.15
N ALA A 170 14.82 2.33 3.08
CA ALA A 170 16.28 2.17 2.93
C ALA A 170 16.98 3.50 2.95
N ASP A 171 16.43 4.50 2.25
CA ASP A 171 17.13 5.78 2.15
C ASP A 171 17.19 6.52 3.48
N LEU A 172 16.28 6.18 4.40
CA LEU A 172 16.22 6.79 5.73
C LEU A 172 16.93 5.95 6.78
N LYS A 173 17.58 4.86 6.39
CA LYS A 173 18.29 3.98 7.31
C LYS A 173 17.35 3.22 8.24
N LEU A 174 16.07 3.11 7.87
CA LEU A 174 15.14 2.21 8.55
C LEU A 174 15.46 0.77 8.14
N ASN A 175 15.44 -0.14 9.09
CA ASN A 175 16.06 -1.45 8.87
C ASN A 175 15.16 -2.59 9.31
N SER A 176 13.89 -2.32 9.62
CA SER A 176 13.03 -3.39 10.13
C SER A 176 11.60 -3.16 9.69
N VAL A 177 10.99 -4.17 9.09
CA VAL A 177 9.59 -4.07 8.70
C VAL A 177 8.89 -5.38 9.07
N LEU A 178 7.85 -5.28 9.89
CA LEU A 178 6.98 -6.40 10.20
C LEU A 178 5.83 -6.37 9.19
N MET A 179 5.67 -7.45 8.43
CA MET A 179 4.70 -7.48 7.35
C MET A 179 3.69 -8.56 7.75
N GLU A 180 2.55 -8.14 8.31
CA GLU A 180 1.43 -9.05 8.51
C GLU A 180 0.79 -9.30 7.13
N MET A 181 0.83 -10.52 6.57
CA MET A 181 0.38 -10.73 5.21
C MET A 181 0.04 -12.21 5.07
N LYS A 182 -0.63 -12.55 3.97
CA LYS A 182 -0.95 -13.92 3.62
C LYS A 182 -0.02 -14.28 2.49
N LEU A 183 0.72 -15.36 2.68
CA LEU A 183 1.53 -15.97 1.64
C LEU A 183 0.67 -17.08 1.08
N LYS A 184 0.45 -17.09 -0.23
CA LYS A 184 -0.41 -18.12 -0.82
C LYS A 184 0.03 -19.49 -0.39
N SER A 185 -0.91 -20.21 0.24
CA SER A 185 -0.59 -21.49 0.85
C SER A 185 -0.70 -22.62 -0.18
N ASP A 186 0.33 -23.47 -0.22
CA ASP A 186 0.29 -24.62 -1.10
C ASP A 186 -0.53 -25.76 -0.51
N LYS A 187 -0.50 -25.91 0.81
CA LYS A 187 -1.06 -27.06 1.47
C LYS A 187 -2.49 -26.89 1.90
N PHE A 188 -2.94 -25.64 1.96
CA PHE A 188 -4.27 -25.28 2.45
C PHE A 188 -4.90 -24.29 1.48
N PRO A 189 -5.17 -24.74 0.25
CA PRO A 189 -5.78 -23.83 -0.74
C PRO A 189 -7.16 -23.32 -0.32
N VAL A 190 -7.86 -24.02 0.59
CA VAL A 190 -9.18 -23.55 1.01
C VAL A 190 -9.08 -22.31 1.88
N ALA A 191 -7.90 -22.01 2.41
CA ALA A 191 -7.74 -20.81 3.20
C ALA A 191 -7.12 -19.68 2.40
N ASN A 192 -6.96 -19.83 1.07
CA ASN A 192 -6.32 -18.75 0.32
C ASN A 192 -7.30 -17.63 -0.05
N THR A 193 -8.17 -17.20 0.87
CA THR A 193 -8.96 -16.02 0.57
C THR A 193 -8.00 -14.85 0.31
N PHE A 194 -8.31 -14.06 -0.73
CA PHE A 194 -7.59 -12.82 -0.97
C PHE A 194 -7.88 -11.86 0.18
N SER A 195 -6.87 -11.10 0.58
CA SER A 195 -5.54 -11.01 0.02
C SER A 195 -4.54 -12.13 0.26
N TYR A 196 -3.77 -12.42 -0.78
CA TYR A 196 -2.63 -13.31 -0.64
C TYR A 196 -1.51 -12.79 -1.54
N TYR A 197 -0.31 -13.32 -1.33
CA TYR A 197 0.89 -12.94 -2.05
C TYR A 197 1.54 -14.15 -2.68
N SER A 198 1.97 -14.01 -3.93
CA SER A 198 2.66 -15.13 -4.56
C SER A 198 3.96 -15.40 -3.81
N ARG A 199 4.37 -16.67 -3.79
CA ARG A 199 5.64 -17.01 -3.14
C ARG A 199 6.80 -16.35 -3.87
N ASP A 200 6.77 -16.37 -5.22
CA ASP A 200 7.83 -15.73 -5.99
C ASP A 200 7.83 -14.21 -5.75
N ASP A 201 6.64 -13.62 -5.60
CA ASP A 201 6.56 -12.17 -5.37
C ASP A 201 7.20 -11.83 -4.03
N VAL A 202 6.91 -12.65 -3.02
CA VAL A 202 7.52 -12.37 -1.74
C VAL A 202 9.01 -12.59 -1.83
N LYS A 203 9.46 -13.74 -2.38
CA LYS A 203 10.92 -13.92 -2.53
C LYS A 203 11.57 -12.71 -3.17
N LYS A 204 10.93 -12.14 -4.19
CA LYS A 204 11.51 -10.99 -4.86
C LYS A 204 11.71 -9.84 -3.87
N PHE A 205 10.62 -9.35 -3.24
CA PHE A 205 10.82 -8.18 -2.37
C PHE A 205 11.60 -8.50 -1.09
N VAL A 206 11.63 -9.77 -0.64
CA VAL A 206 12.49 -10.14 0.48
C VAL A 206 13.95 -10.06 0.07
N LYS A 207 14.23 -10.42 -1.18
CA LYS A 207 15.59 -10.32 -1.73
C LYS A 207 16.08 -8.88 -1.82
N LYS A 208 15.21 -7.98 -2.25
CA LYS A 208 15.59 -6.56 -2.21
C LYS A 208 15.86 -6.08 -0.83
N ALA A 209 15.02 -6.48 0.10
CA ALA A 209 15.27 -6.11 1.48
C ALA A 209 16.63 -6.62 1.94
N GLU A 210 16.97 -7.87 1.60
CA GLU A 210 18.28 -8.37 2.00
C GLU A 210 19.40 -7.48 1.46
N ALA A 211 19.26 -7.05 0.21
CA ALA A 211 20.31 -6.20 -0.36
C ALA A 211 20.41 -4.88 0.39
N TYR A 212 19.28 -4.33 0.83
CA TYR A 212 19.29 -3.05 1.53
C TYR A 212 19.46 -3.15 3.05
N GLY A 213 19.66 -4.35 3.61
CA GLY A 213 19.86 -4.46 5.04
C GLY A 213 18.59 -4.31 5.87
N ILE A 214 17.42 -4.55 5.25
CA ILE A 214 16.14 -4.43 5.90
C ILE A 214 15.74 -5.83 6.38
N ASP A 215 15.41 -5.94 7.67
CA ASP A 215 14.93 -7.17 8.26
C ASP A 215 13.42 -7.27 8.05
N VAL A 216 12.99 -8.18 7.20
CA VAL A 216 11.57 -8.39 6.94
C VAL A 216 11.10 -9.52 7.83
N ILE A 217 10.24 -9.21 8.78
CA ILE A 217 9.74 -10.18 9.74
C ILE A 217 8.30 -10.45 9.35
N PRO A 218 7.91 -11.68 9.08
CA PRO A 218 6.51 -11.97 8.79
C PRO A 218 5.67 -12.13 10.05
N GLU A 219 4.39 -11.84 9.91
CA GLU A 219 3.39 -12.09 10.95
C GLU A 219 2.16 -12.82 10.43
N ILE A 220 1.83 -13.94 11.09
CA ILE A 220 0.51 -14.55 11.04
C ILE A 220 -0.08 -14.38 12.43
N ASN A 221 -0.95 -13.39 12.61
CA ASN A 221 -1.52 -13.14 13.91
C ASN A 221 -2.31 -14.33 14.45
N SER A 222 -2.02 -14.71 15.68
CA SER A 222 -2.66 -15.85 16.33
C SER A 222 -2.50 -15.67 17.83
N PRO A 223 -3.35 -16.32 18.62
CA PRO A 223 -4.48 -17.14 18.19
C PRO A 223 -5.72 -16.25 17.92
N GLY A 224 -5.64 -14.93 17.94
CA GLY A 224 -6.75 -14.10 17.51
C GLY A 224 -6.51 -13.43 16.17
N HIS A 225 -7.56 -12.74 15.73
CA HIS A 225 -7.56 -12.03 14.46
C HIS A 225 -7.20 -12.96 13.31
N MET A 226 -7.74 -14.18 13.33
CA MET A 226 -7.40 -15.19 12.32
C MET A 226 -8.53 -15.41 11.32
N ASN A 227 -9.48 -14.46 11.23
CA ASN A 227 -10.59 -14.59 10.29
C ASN A 227 -10.10 -14.97 8.90
N ILE A 228 -8.97 -14.39 8.47
CA ILE A 228 -8.43 -14.60 7.12
C ILE A 228 -7.93 -16.02 6.93
N TRP A 229 -7.65 -16.74 8.02
CA TRP A 229 -7.15 -18.10 7.87
C TRP A 229 -8.16 -19.19 8.18
N LEU A 230 -9.15 -18.94 9.02
CA LEU A 230 -10.04 -19.99 9.47
C LEU A 230 -11.44 -19.88 8.89
N GLU A 231 -11.70 -18.87 8.03
CA GLU A 231 -13.05 -18.68 7.48
C GLU A 231 -13.60 -19.98 6.91
N ASN A 232 -12.80 -20.69 6.16
CA ASN A 232 -13.17 -21.90 5.44
C ASN A 232 -12.77 -23.16 6.15
N LEU A 233 -12.31 -23.05 7.39
CA LEU A 233 -11.88 -24.18 8.19
C LEU A 233 -12.66 -24.16 9.49
N PRO A 234 -13.94 -24.52 9.47
CA PRO A 234 -14.76 -24.45 10.70
C PRO A 234 -14.22 -25.39 11.77
N ASP A 235 -13.58 -26.49 11.38
CA ASP A 235 -13.12 -27.48 12.35
C ASP A 235 -11.93 -26.95 13.16
N PHE A 236 -11.17 -25.95 12.65
CA PHE A 236 -10.12 -25.36 13.49
C PHE A 236 -10.62 -24.12 14.26
N GLN A 237 -11.91 -23.79 14.18
CA GLN A 237 -12.44 -22.63 14.90
C GLN A 237 -12.80 -23.04 16.32
N LEU A 238 -12.47 -22.20 17.29
CA LEU A 238 -12.91 -22.44 18.66
C LEU A 238 -14.42 -22.35 18.79
N LYS A 239 -15.01 -23.30 19.51
CA LYS A 239 -16.45 -23.46 19.55
C LYS A 239 -17.03 -23.16 20.93
N ASP A 240 -18.21 -22.54 20.94
CA ASP A 240 -18.97 -22.32 22.18
C ASP A 240 -19.38 -23.60 22.89
N GLN A 241 -20.00 -23.45 24.07
CA GLN A 241 -20.66 -24.60 24.68
C GLN A 241 -21.83 -25.05 23.83
N SER A 242 -22.39 -24.13 23.01
CA SER A 242 -23.38 -24.49 22.00
C SER A 242 -22.77 -25.02 20.71
N GLY A 243 -21.44 -25.15 20.61
CA GLY A 243 -20.80 -25.60 19.40
C GLY A 243 -20.64 -24.63 18.24
N LYS A 244 -20.88 -23.34 18.43
CA LYS A 244 -20.75 -22.35 17.35
C LYS A 244 -19.33 -21.83 17.21
N GLY A 245 -18.76 -21.91 16.02
CA GLY A 245 -17.40 -21.46 15.81
C GLY A 245 -17.28 -19.98 15.50
N ASN A 246 -16.08 -19.55 15.21
CA ASN A 246 -15.90 -18.15 14.87
C ASN A 246 -14.51 -18.12 14.25
N ALA A 247 -14.37 -17.81 12.95
CA ALA A 247 -13.08 -17.86 12.26
C ALA A 247 -12.01 -16.96 12.90
N ASP A 248 -12.40 -16.15 13.86
CA ASP A 248 -11.48 -15.21 14.45
C ASP A 248 -10.47 -15.90 15.37
N ARG A 249 -10.85 -17.02 15.99
CA ARG A 249 -10.05 -17.63 17.02
C ARG A 249 -9.74 -19.07 16.66
N LEU A 250 -8.46 -19.43 16.69
CA LEU A 250 -8.05 -20.81 16.49
C LEU A 250 -8.20 -21.63 17.77
N ASP A 251 -8.74 -22.85 17.62
CA ASP A 251 -8.89 -23.78 18.72
C ASP A 251 -7.50 -24.24 19.07
N ILE A 252 -6.95 -23.66 20.11
CA ILE A 252 -5.58 -24.05 20.42
C ILE A 252 -5.43 -25.41 21.07
N THR A 253 -6.55 -26.04 21.37
CA THR A 253 -6.62 -27.38 21.89
C THR A 253 -6.77 -28.47 20.83
N ASN A 254 -6.97 -28.11 19.61
CA ASN A 254 -7.15 -29.09 18.55
C ASN A 254 -5.82 -29.45 17.91
N PRO A 255 -5.45 -30.73 17.81
CA PRO A 255 -4.10 -31.02 17.27
C PRO A 255 -3.91 -30.70 15.81
N GLU A 256 -4.92 -30.86 14.99
CA GLU A 256 -4.77 -30.56 13.58
C GLU A 256 -4.72 -29.05 13.35
N ALA A 257 -5.33 -28.26 14.24
CA ALA A 257 -5.25 -26.81 14.08
C ALA A 257 -3.87 -26.27 14.44
N ILE A 258 -3.28 -26.80 15.51
CA ILE A 258 -1.90 -26.46 15.82
C ILE A 258 -0.99 -26.89 14.68
N LYS A 259 -1.21 -28.10 14.14
CA LYS A 259 -0.43 -28.53 12.98
C LYS A 259 -0.62 -27.56 11.82
N PHE A 260 -1.84 -27.08 11.59
CA PHE A 260 -2.14 -26.13 10.51
C PHE A 260 -1.34 -24.84 10.65
N TYR A 261 -1.31 -24.29 11.86
CA TYR A 261 -0.54 -23.09 12.08
C TYR A 261 0.94 -23.36 11.84
N LYS A 262 1.43 -24.40 12.47
CA LYS A 262 2.83 -24.76 12.38
C LYS A 262 3.26 -25.02 10.94
N THR A 263 2.34 -25.53 10.11
CA THR A 263 2.61 -25.73 8.69
C THR A 263 2.74 -24.38 8.00
N LEU A 264 1.91 -23.42 8.41
CA LEU A 264 2.01 -22.08 7.84
C LEU A 264 3.37 -21.45 8.20
N ILE A 265 3.81 -21.65 9.44
CA ILE A 265 5.12 -21.20 9.85
C ILE A 265 6.19 -21.78 8.91
N ASP A 266 6.11 -23.09 8.70
CA ASP A 266 7.06 -23.76 7.81
C ASP A 266 7.00 -23.20 6.41
N GLU A 267 5.79 -22.97 5.89
CA GLU A 267 5.63 -22.50 4.52
C GLU A 267 6.27 -21.13 4.36
N TYR A 268 6.10 -20.26 5.39
CA TYR A 268 6.70 -18.92 5.37
C TYR A 268 8.21 -19.05 5.38
N ASP A 269 8.74 -20.07 6.06
CA ASP A 269 10.19 -20.18 6.21
C ASP A 269 10.93 -20.24 4.87
N GLY A 270 10.28 -20.75 3.83
CA GLY A 270 10.96 -20.90 2.57
C GLY A 270 11.11 -19.65 1.74
N VAL A 271 10.54 -18.52 2.18
CA VAL A 271 10.59 -17.28 1.42
C VAL A 271 11.11 -16.13 2.29
N PHE A 272 10.85 -16.15 3.60
CA PHE A 272 11.39 -15.13 4.48
C PHE A 272 12.72 -15.64 5.01
N SER A 273 13.73 -14.77 5.00
CA SER A 273 15.07 -15.12 5.42
C SER A 273 15.37 -14.62 6.82
N THR A 274 14.44 -13.90 7.43
CA THR A 274 14.66 -13.36 8.76
C THR A 274 14.84 -14.48 9.78
N LYS A 275 15.52 -14.12 10.88
CA LYS A 275 15.68 -15.00 12.04
C LYS A 275 14.51 -14.90 13.01
N TYR A 276 13.52 -14.05 12.73
CA TYR A 276 12.42 -13.80 13.65
C TYR A 276 11.12 -14.41 13.12
N TRP A 277 10.26 -14.85 14.04
CA TRP A 277 8.87 -15.14 13.73
C TRP A 277 7.98 -14.36 14.71
N HIS A 278 6.95 -13.70 14.19
CA HIS A 278 5.97 -12.96 14.97
C HIS A 278 4.64 -13.70 14.91
N MET A 279 4.23 -14.28 16.04
CA MET A 279 2.96 -14.99 16.14
C MET A 279 1.82 -14.06 16.53
N GLY A 280 2.08 -12.76 16.64
CA GLY A 280 1.06 -11.82 17.06
C GLY A 280 0.78 -11.90 18.54
N ALA A 281 -0.05 -12.86 18.92
CA ALA A 281 -0.46 -13.03 20.31
C ALA A 281 -1.21 -11.81 20.82
N ASP A 282 -1.96 -11.14 19.95
CA ASP A 282 -2.98 -10.25 20.45
C ASP A 282 -3.93 -11.03 21.36
N GLU A 283 -4.50 -10.33 22.33
CA GLU A 283 -5.31 -10.98 23.36
C GLU A 283 -6.29 -11.97 22.72
N TYR A 284 -6.26 -13.22 23.22
CA TYR A 284 -7.00 -14.30 22.57
C TYR A 284 -8.50 -14.01 22.53
N MET A 285 -9.09 -13.64 23.67
CA MET A 285 -10.54 -13.50 23.76
C MET A 285 -11.10 -12.33 22.99
N MET A 286 -10.21 -11.38 22.59
CA MET A 286 -10.70 -10.17 21.88
C MET A 286 -11.84 -9.51 22.60
N GLY A 287 -11.81 -9.52 23.93
CA GLY A 287 -12.85 -8.87 24.70
C GLY A 287 -13.94 -9.79 25.24
N ALA A 288 -13.97 -11.06 24.85
CA ALA A 288 -14.96 -12.02 25.35
C ALA A 288 -14.47 -12.61 26.67
N SER A 289 -14.97 -13.79 27.06
CA SER A 289 -14.57 -14.39 28.34
C SER A 289 -14.21 -15.86 28.14
N TYR A 290 -13.14 -16.28 28.82
CA TYR A 290 -12.65 -17.65 28.70
C TYR A 290 -13.67 -18.68 29.17
N TYR A 291 -14.57 -18.27 30.06
CA TYR A 291 -15.57 -19.16 30.61
C TYR A 291 -16.60 -19.63 29.58
N SER A 292 -16.76 -18.90 28.50
CA SER A 292 -17.56 -19.36 27.40
C SER A 292 -16.97 -20.47 26.60
N TYR A 293 -15.73 -20.80 26.89
CA TYR A 293 -15.01 -21.88 26.23
C TYR A 293 -14.25 -22.70 27.26
N PRO A 294 -14.98 -23.43 28.09
CA PRO A 294 -14.33 -24.16 29.18
C PRO A 294 -13.32 -25.19 28.68
N GLN A 295 -13.41 -25.61 27.40
CA GLN A 295 -12.45 -26.60 26.93
C GLN A 295 -11.03 -26.03 26.88
N LEU A 296 -10.87 -24.71 27.00
CA LEU A 296 -9.53 -24.13 27.06
C LEU A 296 -8.96 -24.37 28.46
N ALA A 297 -9.74 -24.10 29.51
CA ALA A 297 -9.30 -24.38 30.87
C ALA A 297 -9.01 -25.86 31.06
N LYS A 298 -9.85 -26.72 30.45
CA LYS A 298 -9.61 -28.17 30.59
C LYS A 298 -8.33 -28.59 29.84
N TYR A 299 -8.10 -28.02 28.64
CA TYR A 299 -6.85 -28.30 27.93
C TYR A 299 -5.66 -27.85 28.76
N ALA A 300 -5.78 -26.67 29.39
CA ALA A 300 -4.70 -26.16 30.21
C ALA A 300 -4.40 -27.13 31.35
N GLN A 301 -5.41 -27.44 32.17
CA GLN A 301 -5.12 -28.33 33.30
C GLN A 301 -4.61 -29.71 32.87
N GLN A 302 -4.85 -30.12 31.60
CA GLN A 302 -4.30 -31.39 31.16
C GLN A 302 -2.82 -31.25 30.80
N VAL A 303 -2.49 -30.22 30.02
CA VAL A 303 -1.11 -30.04 29.56
C VAL A 303 -0.17 -29.57 30.67
N THR A 304 -0.67 -28.99 31.76
CA THR A 304 0.25 -28.56 32.80
C THR A 304 0.45 -29.57 33.87
N GLY A 305 -0.56 -30.41 34.04
CA GLY A 305 -0.75 -31.34 35.13
C GLY A 305 -1.29 -30.70 36.40
N LYS A 306 -1.73 -29.46 36.30
CA LYS A 306 -2.26 -28.69 37.42
C LYS A 306 -3.74 -28.38 37.23
N ALA A 307 -4.55 -28.73 38.23
CA ALA A 307 -6.01 -28.58 38.17
C ALA A 307 -6.40 -27.11 38.10
N ASN A 308 -5.54 -26.22 38.60
CA ASN A 308 -5.84 -24.81 38.70
C ASN A 308 -5.43 -24.01 37.49
N ALA A 309 -5.24 -24.68 36.36
CA ALA A 309 -4.92 -23.97 35.14
C ALA A 309 -6.15 -23.24 34.61
N THR A 310 -5.93 -22.07 34.02
CA THR A 310 -6.97 -21.17 33.57
C THR A 310 -6.94 -21.11 32.05
N GLY A 311 -7.88 -20.37 31.46
CA GLY A 311 -7.83 -20.13 30.01
C GLY A 311 -6.62 -19.30 29.59
N ALA A 312 -6.33 -18.22 30.34
CA ALA A 312 -5.14 -17.44 30.03
C ALA A 312 -3.91 -18.33 30.08
N ASP A 313 -3.91 -19.36 30.96
CA ASP A 313 -2.77 -20.28 30.99
C ASP A 313 -2.65 -21.01 29.67
N ALA A 314 -3.78 -21.48 29.11
CA ALA A 314 -3.73 -22.14 27.81
C ALA A 314 -3.16 -21.21 26.75
N PHE A 315 -3.61 -19.95 26.75
CA PHE A 315 -3.07 -18.95 25.84
C PHE A 315 -1.54 -18.86 25.97
N THR A 316 -1.04 -18.77 27.20
CA THR A 316 0.41 -18.67 27.38
C THR A 316 1.11 -19.97 26.98
N TYR A 317 0.53 -21.12 27.31
CA TYR A 317 1.09 -22.40 26.87
C TYR A 317 1.23 -22.44 25.36
N PHE A 318 0.25 -21.89 24.63
CA PHE A 318 0.29 -21.82 23.17
C PHE A 318 1.45 -20.95 22.72
N ILE A 319 1.60 -19.82 23.41
CA ILE A 319 2.70 -18.94 23.10
C ILE A 319 4.03 -19.66 23.27
N ASN A 320 4.16 -20.41 24.35
CA ASN A 320 5.40 -21.10 24.67
C ASN A 320 5.66 -22.24 23.70
N ASP A 321 4.63 -23.00 23.34
CA ASP A 321 4.79 -24.08 22.37
C ASP A 321 5.29 -23.55 21.02
N ILE A 322 4.70 -22.46 20.56
CA ILE A 322 5.17 -21.88 19.30
C ILE A 322 6.58 -21.35 19.48
N ASN A 323 6.91 -20.87 20.69
CA ASN A 323 8.28 -20.44 20.97
C ASN A 323 9.26 -21.58 20.81
N ASN A 324 8.99 -22.73 21.44
CA ASN A 324 9.88 -23.88 21.29
C ASN A 324 9.96 -24.31 19.84
N TYR A 325 8.85 -24.26 19.12
CA TYR A 325 8.86 -24.73 17.74
C TYR A 325 9.74 -23.86 16.85
N VAL A 326 9.62 -22.53 16.98
CA VAL A 326 10.40 -21.65 16.12
C VAL A 326 11.86 -21.66 16.58
N LYS A 327 12.09 -21.87 17.87
CA LYS A 327 13.44 -21.99 18.40
C LYS A 327 14.12 -23.23 17.84
N ALA A 328 13.37 -24.32 17.66
CA ALA A 328 13.93 -25.51 17.02
C ALA A 328 14.40 -25.24 15.60
N LYS A 329 13.88 -24.18 14.97
CA LYS A 329 14.33 -23.74 13.66
C LYS A 329 15.41 -22.66 13.77
N GLY A 330 15.96 -22.46 14.96
CA GLY A 330 16.94 -21.40 15.19
C GLY A 330 16.39 -20.00 15.11
N LYS A 331 15.09 -19.83 15.24
CA LYS A 331 14.45 -18.54 15.16
C LYS A 331 14.08 -18.04 16.54
N THR A 332 13.75 -16.76 16.61
CA THR A 332 13.36 -16.10 17.85
C THR A 332 11.95 -15.55 17.71
N LEU A 333 11.16 -15.74 18.77
CA LEU A 333 9.74 -15.42 18.75
C LEU A 333 9.49 -13.96 19.11
N ARG A 334 8.41 -13.42 18.57
CA ARG A 334 7.99 -12.05 18.87
C ARG A 334 6.50 -12.02 19.16
N ILE A 335 6.09 -11.20 20.12
CA ILE A 335 4.68 -11.07 20.47
C ILE A 335 4.36 -9.61 20.81
N TRP A 336 3.07 -9.27 20.69
CA TRP A 336 2.56 -8.00 21.17
C TRP A 336 2.39 -8.06 22.69
N ASN A 337 2.57 -6.92 23.35
CA ASN A 337 2.60 -6.98 24.81
C ASN A 337 1.25 -7.34 25.41
N ASP A 338 0.14 -7.05 24.72
CA ASP A 338 -1.17 -7.43 25.26
C ASP A 338 -1.42 -8.93 25.23
N GLY A 339 -0.50 -9.71 24.70
CA GLY A 339 -0.52 -11.15 24.84
C GLY A 339 0.12 -11.68 26.09
N ILE A 340 0.64 -10.81 26.94
CA ILE A 340 1.27 -11.17 28.19
C ILE A 340 0.24 -11.04 29.30
N VAL A 341 -0.34 -12.15 29.71
CA VAL A 341 -1.45 -12.12 30.65
C VAL A 341 -1.04 -12.81 31.95
N SER A 342 -1.87 -12.63 32.97
CA SER A 342 -1.64 -13.22 34.27
C SER A 342 -1.95 -14.71 34.23
N THR A 343 -1.06 -15.49 34.82
CA THR A 343 -1.14 -16.93 34.67
C THR A 343 -1.18 -17.59 36.04
N ARG A 344 -1.28 -18.91 36.02
CA ARG A 344 -1.30 -19.72 37.21
C ARG A 344 -0.31 -20.87 37.04
N ALA A 345 -0.64 -21.85 36.18
CA ALA A 345 0.19 -23.05 36.01
C ALA A 345 1.12 -22.98 34.82
N VAL A 346 1.14 -21.81 34.14
CA VAL A 346 2.02 -21.58 33.00
C VAL A 346 2.57 -20.16 33.08
N THR A 347 3.86 -20.02 32.92
CA THR A 347 4.53 -18.73 32.94
C THR A 347 5.13 -18.42 31.57
N LEU A 348 5.06 -17.16 31.16
CA LEU A 348 5.54 -16.79 29.84
C LEU A 348 7.07 -16.93 29.78
N ASP A 349 7.55 -17.59 28.73
CA ASP A 349 8.97 -17.74 28.46
C ASP A 349 9.62 -16.36 28.39
N LYS A 350 10.91 -16.31 28.73
CA LYS A 350 11.63 -15.04 28.79
C LYS A 350 12.45 -14.75 27.53
N ASP A 351 12.57 -15.71 26.61
CA ASP A 351 13.39 -15.47 25.44
C ASP A 351 12.51 -15.08 24.27
N ILE A 352 11.53 -14.25 24.53
CA ILE A 352 10.62 -13.76 23.50
C ILE A 352 10.73 -12.25 23.48
N VAL A 353 10.81 -11.65 22.29
CA VAL A 353 10.79 -10.20 22.17
C VAL A 353 9.38 -9.69 22.30
N VAL A 354 9.21 -8.61 23.08
CA VAL A 354 7.90 -8.01 23.34
C VAL A 354 7.84 -6.65 22.65
N GLU A 355 6.87 -6.51 21.72
CA GLU A 355 6.62 -5.25 21.03
C GLU A 355 5.46 -4.56 21.74
N HIS A 356 5.76 -3.46 22.42
CA HIS A 356 4.87 -2.82 23.37
C HIS A 356 4.16 -1.69 22.63
N TRP A 357 2.83 -1.71 22.66
CA TRP A 357 1.99 -0.67 22.05
C TRP A 357 0.85 -0.24 22.97
N LEU A 358 0.37 -1.12 23.84
CA LEU A 358 -0.81 -0.90 24.67
C LEU A 358 -0.37 -0.61 26.10
N GLY A 359 -0.84 0.52 26.65
CA GLY A 359 -0.55 0.89 28.01
C GLY A 359 -1.36 0.11 29.02
N SER A 360 -1.18 -1.20 29.07
CA SER A 360 -1.96 -2.03 29.98
C SER A 360 -1.17 -3.31 30.28
N GLY A 361 -1.54 -3.95 31.40
CA GLY A 361 -0.88 -5.18 31.80
C GLY A 361 0.49 -4.83 32.35
N ARG A 362 1.40 -5.82 32.33
CA ARG A 362 2.70 -5.61 32.95
C ARG A 362 3.38 -4.39 32.34
N SER A 363 3.86 -3.49 33.20
CA SER A 363 4.44 -2.26 32.70
C SER A 363 5.67 -2.60 31.87
N PRO A 364 5.96 -1.81 30.83
CA PRO A 364 7.16 -2.11 30.02
C PRO A 364 8.44 -1.95 30.81
N ASN A 365 8.48 -1.05 31.80
CA ASN A 365 9.69 -0.91 32.59
C ASN A 365 9.96 -2.17 33.42
N GLU A 366 8.92 -2.78 34.00
CA GLU A 366 9.15 -4.00 34.77
C GLU A 366 9.47 -5.20 33.85
N LEU A 367 8.91 -5.23 32.64
CA LEU A 367 9.24 -6.22 31.67
C LEU A 367 10.73 -6.13 31.27
N ALA A 368 11.20 -4.92 30.98
CA ALA A 368 12.61 -4.73 30.67
C ALA A 368 13.48 -5.15 31.85
N ASN A 369 13.12 -4.72 33.06
CA ASN A 369 13.87 -5.11 34.26
C ASN A 369 13.95 -6.62 34.43
N ASP A 370 12.96 -7.36 33.94
CA ASP A 370 12.95 -8.81 34.07
C ASP A 370 13.69 -9.50 32.93
N GLY A 371 14.35 -8.77 32.05
CA GLY A 371 15.20 -9.37 31.04
C GLY A 371 14.63 -9.41 29.63
N TYR A 372 13.44 -8.88 29.42
CA TYR A 372 12.80 -8.91 28.12
C TYR A 372 13.36 -7.84 27.21
N LYS A 373 13.40 -8.14 25.91
CA LYS A 373 13.83 -7.16 24.94
C LYS A 373 12.58 -6.48 24.38
N LEU A 374 12.60 -5.16 24.27
CA LEU A 374 11.38 -4.41 23.99
C LEU A 374 11.51 -3.60 22.71
N VAL A 375 10.43 -3.59 21.93
CA VAL A 375 10.28 -2.62 20.84
C VAL A 375 9.20 -1.63 21.24
N ASN A 376 9.49 -0.34 21.06
CA ASN A 376 8.48 0.68 21.34
C ASN A 376 7.59 0.85 20.11
N ALA A 377 6.51 0.05 20.04
CA ALA A 377 5.56 0.15 18.93
C ALA A 377 4.47 1.14 19.32
N ASN A 378 4.86 2.40 19.44
CA ASN A 378 4.11 3.36 20.26
C ASN A 378 2.78 3.72 19.60
N LEU A 379 1.72 3.77 20.41
CA LEU A 379 0.42 4.12 19.84
C LEU A 379 0.42 5.53 19.23
N ASN A 380 1.32 6.41 19.67
CA ASN A 380 1.38 7.74 19.07
C ASN A 380 1.87 7.72 17.64
N LEU A 381 2.49 6.62 17.19
CA LEU A 381 3.04 6.52 15.84
C LEU A 381 2.15 5.68 14.92
N TYR A 382 0.89 5.53 15.29
CA TYR A 382 -0.08 4.77 14.53
C TYR A 382 -0.65 5.56 13.35
N PHE A 383 -0.93 4.84 12.28
CA PHE A 383 -1.61 5.32 11.09
C PHE A 383 -2.78 4.39 10.84
N ALA A 384 -3.94 4.95 10.49
CA ALA A 384 -5.09 4.13 10.12
C ALA A 384 -5.88 4.84 9.03
N ARG A 385 -6.46 4.05 8.11
CA ARG A 385 -7.34 4.62 7.08
C ARG A 385 -8.72 4.98 7.61
N LEU A 386 -9.22 4.23 8.62
CA LEU A 386 -10.60 4.37 9.10
C LEU A 386 -10.67 5.56 10.07
N SER A 387 -9.98 5.48 11.23
CA SER A 387 -10.05 6.58 12.20
C SER A 387 -8.66 7.18 12.42
N PRO A 388 -8.32 8.29 11.77
CA PRO A 388 -6.95 8.81 11.87
C PRO A 388 -6.46 9.10 13.29
N TYR A 389 -5.21 8.74 13.56
CA TYR A 389 -4.53 9.02 14.82
C TYR A 389 -4.01 10.44 14.89
N PRO A 390 -3.61 10.88 16.09
CA PRO A 390 -3.13 12.27 16.23
C PRO A 390 -1.93 12.61 15.36
N ILE A 391 -1.02 11.67 15.14
CA ILE A 391 0.14 12.01 14.31
C ILE A 391 -0.27 12.29 12.88
N GLN A 392 -1.37 11.71 12.42
CA GLN A 392 -1.90 12.02 11.10
C GLN A 392 -2.62 13.36 11.07
N LYS A 393 -3.37 13.64 12.11
CA LYS A 393 -4.19 14.82 12.21
C LYS A 393 -3.34 16.07 12.30
N ASN A 394 -2.24 15.99 13.04
CA ASN A 394 -1.46 17.15 13.46
C ASN A 394 0.01 17.11 13.07
N GLY A 395 0.48 16.00 12.51
CA GLY A 395 1.87 15.89 12.18
C GLY A 395 2.68 15.54 13.40
N PRO A 396 3.97 15.28 13.22
CA PRO A 396 4.80 14.79 14.33
C PRO A 396 5.22 15.87 15.32
N ALA A 397 4.88 17.13 15.06
CA ALA A 397 5.40 18.22 15.90
C ALA A 397 5.10 18.01 17.38
N PHE A 398 3.90 17.55 17.72
CA PHE A 398 3.60 17.40 19.14
C PHE A 398 4.49 16.39 19.85
N LEU A 399 5.17 15.54 19.10
CA LEU A 399 6.14 14.61 19.68
C LEU A 399 7.56 15.17 19.62
N TYR A 400 7.97 15.66 18.44
CA TYR A 400 9.31 16.23 18.26
C TYR A 400 9.54 17.32 19.30
N ASN A 401 8.55 18.17 19.50
CA ASN A 401 8.68 19.34 20.37
C ASN A 401 8.46 18.98 21.84
N ASP A 402 8.16 17.72 22.12
CA ASP A 402 7.97 17.23 23.47
C ASP A 402 9.26 16.63 24.00
N PRO A 403 10.02 17.39 24.81
CA PRO A 403 11.29 16.84 25.34
C PRO A 403 11.09 15.65 26.27
N SER A 404 9.87 15.41 26.76
CA SER A 404 9.60 14.24 27.59
C SER A 404 9.24 13.04 26.74
N PHE A 405 9.36 13.16 25.43
CA PHE A 405 9.11 12.04 24.55
C PHE A 405 10.40 11.63 23.87
N GLY A 406 10.51 10.33 23.63
CA GLY A 406 11.67 9.78 22.97
C GLY A 406 11.47 8.29 22.83
N VAL A 407 12.43 7.64 22.17
CA VAL A 407 12.35 6.22 21.90
C VAL A 407 12.15 5.41 23.18
N ASP A 408 12.67 5.90 24.30
CA ASP A 408 12.59 5.18 25.56
C ASP A 408 11.31 5.49 26.33
N VAL A 409 10.36 6.19 25.73
CA VAL A 409 9.10 6.53 26.38
C VAL A 409 7.99 5.65 25.80
N PHE A 410 7.50 4.73 26.62
CA PHE A 410 6.43 3.80 26.28
C PHE A 410 5.11 4.32 26.86
N GLN A 411 4.02 3.78 26.36
CA GLN A 411 2.70 4.20 26.82
C GLN A 411 2.28 3.45 28.07
N GLY A 412 1.58 4.16 28.98
CA GLY A 412 1.09 3.57 30.20
C GLY A 412 -0.41 3.74 30.33
N PRO A 413 -1.00 3.13 31.35
CA PRO A 413 -2.45 3.25 31.53
C PRO A 413 -2.88 4.69 31.77
N TYR A 414 -4.13 5.00 31.39
CA TYR A 414 -4.74 6.30 31.71
C TYR A 414 -3.88 7.45 31.23
N SER A 415 -3.30 7.27 30.04
CA SER A 415 -2.55 8.30 29.34
C SER A 415 -1.21 8.64 29.97
N ARG A 416 -0.70 7.79 30.85
CA ARG A 416 0.62 8.08 31.43
C ARG A 416 1.72 7.56 30.50
N SER A 417 2.89 8.20 30.57
CA SER A 417 4.09 7.79 29.83
C SER A 417 5.04 7.10 30.81
N ILE A 418 5.75 6.08 30.38
CA ILE A 418 6.63 5.31 31.25
C ILE A 418 7.99 5.26 30.60
N LYS A 419 9.03 5.79 31.24
CA LYS A 419 10.36 5.72 30.68
C LYS A 419 10.94 4.38 31.15
N VAL A 420 11.36 3.56 30.19
CA VAL A 420 11.99 2.27 30.46
C VAL A 420 13.44 2.60 30.79
N LYS A 421 13.88 2.28 32.01
CA LYS A 421 15.19 2.76 32.42
C LYS A 421 16.31 1.84 31.94
N LYS A 422 16.06 0.53 31.83
CA LYS A 422 17.08 -0.40 31.32
C LYS A 422 17.07 -0.30 29.79
N ALA A 423 17.67 0.80 29.30
CA ALA A 423 17.55 1.18 27.89
C ALA A 423 18.19 0.15 26.96
N GLU A 424 19.16 -0.60 27.48
CA GLU A 424 19.89 -1.62 26.74
C GLU A 424 18.99 -2.76 26.32
N ASN A 425 17.81 -2.88 26.93
CA ASN A 425 16.85 -3.90 26.56
C ASN A 425 15.79 -3.33 25.60
N ILE A 426 16.01 -2.11 25.10
CA ILE A 426 15.14 -1.48 24.11
C ILE A 426 15.84 -1.65 22.76
N LEU A 427 15.23 -2.45 21.89
CA LEU A 427 15.80 -2.72 20.57
C LEU A 427 15.61 -1.53 19.65
N GLY A 428 14.52 -0.80 19.82
CA GLY A 428 14.27 0.37 19.01
C GLY A 428 12.79 0.70 19.00
N ALA A 429 12.37 1.36 17.91
CA ALA A 429 10.97 1.78 17.80
C ALA A 429 10.52 1.73 16.34
N LYS A 430 9.20 1.75 16.15
CA LYS A 430 8.64 1.69 14.81
C LYS A 430 7.29 2.40 14.77
N LEU A 431 6.94 2.85 13.59
CA LEU A 431 5.61 3.33 13.30
C LEU A 431 4.75 2.19 12.77
N SER A 432 3.43 2.37 12.77
CA SER A 432 2.50 1.28 12.42
C SER A 432 1.51 1.77 11.37
N ILE A 433 1.26 0.94 10.36
CA ILE A 433 0.41 1.31 9.22
C ILE A 433 -0.72 0.29 9.16
N TRP A 434 -1.90 0.67 9.63
CA TRP A 434 -3.04 -0.21 9.70
C TRP A 434 -4.11 0.21 8.71
N PRO A 435 -4.82 -0.75 8.12
CA PRO A 435 -5.90 -0.39 7.18
C PRO A 435 -7.25 -0.09 7.83
N ASP A 436 -7.83 -1.06 8.53
CA ASP A 436 -9.12 -0.92 9.22
C ASP A 436 -10.30 -0.77 8.26
N ASN A 437 -10.13 0.00 7.19
CA ASN A 437 -11.11 0.08 6.10
C ASN A 437 -10.31 0.21 4.79
N GLY A 438 -10.38 -0.79 3.94
CA GLY A 438 -9.53 -0.83 2.75
C GLY A 438 -9.93 0.08 1.62
N VAL A 439 -11.12 0.65 1.69
CA VAL A 439 -11.60 1.56 0.65
C VAL A 439 -11.63 3.01 1.07
N LYS A 440 -11.44 3.31 2.35
CA LYS A 440 -11.49 4.72 2.77
C LYS A 440 -10.27 5.46 2.20
N GLN A 441 -9.16 4.75 2.06
CA GLN A 441 -7.98 5.31 1.42
C GLN A 441 -7.42 4.32 0.40
N THR A 442 -6.73 4.85 -0.60
CA THR A 442 -5.96 4.02 -1.51
C THR A 442 -4.54 3.88 -0.97
N GLU A 443 -3.82 2.87 -1.46
CA GLU A 443 -2.45 2.66 -1.01
C GLU A 443 -1.54 3.82 -1.39
N ASN A 444 -1.79 4.48 -2.52
CA ASN A 444 -0.96 5.63 -2.89
C ASN A 444 -1.21 6.82 -1.96
N GLU A 445 -2.41 6.89 -1.38
CA GLU A 445 -2.68 7.88 -0.35
C GLU A 445 -1.90 7.56 0.91
N VAL A 446 -1.82 6.27 1.25
CA VAL A 446 -1.09 5.86 2.45
C VAL A 446 0.36 6.27 2.28
N GLU A 447 0.87 6.04 1.08
CA GLU A 447 2.25 6.34 0.74
C GLU A 447 2.56 7.81 0.88
N ALA A 448 1.58 8.68 0.63
CA ALA A 448 1.81 10.09 0.91
C ALA A 448 1.68 10.39 2.40
N ASP A 449 0.72 9.73 3.06
CA ASP A 449 0.39 10.03 4.44
C ASP A 449 1.57 9.86 5.39
N VAL A 450 2.37 8.81 5.20
CA VAL A 450 3.41 8.52 6.17
C VAL A 450 4.70 9.30 5.96
N TYR A 451 4.75 10.19 4.97
CA TYR A 451 6.02 10.81 4.60
C TYR A 451 6.72 11.43 5.81
N GLU A 452 5.99 12.28 6.53
CA GLU A 452 6.63 13.00 7.62
C GLU A 452 6.96 12.04 8.74
N ALA A 453 6.07 11.10 9.02
CA ALA A 453 6.31 10.21 10.14
C ALA A 453 7.47 9.26 9.85
N MET A 454 7.62 8.81 8.60
CA MET A 454 8.79 7.98 8.30
C MET A 454 10.07 8.75 8.58
N ARG A 455 10.11 10.02 8.20
CA ARG A 455 11.35 10.77 8.45
C ARG A 455 11.56 11.01 9.94
N TYR A 456 10.50 11.35 10.66
CA TYR A 456 10.64 11.59 12.09
C TYR A 456 11.12 10.36 12.84
N VAL A 457 10.50 9.20 12.55
CA VAL A 457 10.88 7.99 13.26
C VAL A 457 12.30 7.60 12.89
N ALA A 458 12.66 7.74 11.60
CA ALA A 458 14.03 7.47 11.19
C ALA A 458 15.01 8.33 11.97
N GLN A 459 14.66 9.61 12.16
CA GLN A 459 15.54 10.53 12.87
C GLN A 459 15.72 10.12 14.33
N ILE A 460 14.61 9.90 15.04
CA ILE A 460 14.79 9.66 16.47
C ILE A 460 15.37 8.26 16.75
N THR A 461 15.16 7.29 15.84
CA THR A 461 15.74 5.96 16.07
C THR A 461 17.21 5.85 15.66
N TRP A 462 17.63 6.56 14.60
CA TRP A 462 19.06 6.54 14.25
C TRP A 462 19.85 7.45 15.19
N GLY A 463 19.39 8.69 15.37
CA GLY A 463 20.12 9.63 16.20
C GLY A 463 19.90 9.50 17.69
N GLY A 464 18.82 8.84 18.11
CA GLY A 464 18.47 8.81 19.51
C GLY A 464 17.72 10.03 20.02
N GLY A 465 17.35 10.94 19.12
CA GLY A 465 16.70 12.18 19.50
C GLY A 465 16.66 13.10 18.29
N ASN A 466 16.38 14.36 18.52
CA ASN A 466 16.30 15.33 17.44
C ASN A 466 17.68 15.85 17.08
N PRO A 467 17.90 16.31 15.85
CA PRO A 467 19.20 16.90 15.52
C PRO A 467 19.48 18.14 16.35
N ALA A 468 20.75 18.29 16.77
CA ALA A 468 21.11 19.37 17.68
C ALA A 468 20.89 20.76 17.07
N ASP A 469 20.89 20.87 15.74
CA ASP A 469 20.80 22.16 15.07
C ASP A 469 19.38 22.49 14.63
N ASN A 470 18.39 21.66 14.99
CA ASN A 470 16.97 21.86 14.67
C ASN A 470 16.20 21.94 15.98
N PRO A 471 16.16 23.10 16.62
CA PRO A 471 15.50 23.16 17.93
C PRO A 471 14.04 22.73 17.93
N THR A 472 13.26 23.13 16.92
CA THR A 472 11.83 22.85 16.85
C THR A 472 11.52 22.01 15.62
N TYR A 473 10.33 21.43 15.60
CA TYR A 473 9.94 20.65 14.44
C TYR A 473 9.89 21.49 13.17
N ALA A 474 9.46 22.75 13.29
CA ALA A 474 9.44 23.62 12.12
C ALA A 474 10.82 23.71 11.47
N ASP A 475 11.89 23.82 12.28
CA ASP A 475 13.23 23.83 11.72
C ASP A 475 13.57 22.52 11.04
N PHE A 476 13.32 21.39 11.73
CA PHE A 476 13.56 20.08 11.13
C PHE A 476 12.86 19.98 9.78
N LYS A 477 11.63 20.47 9.70
CA LYS A 477 10.87 20.39 8.45
C LYS A 477 11.44 21.32 7.38
N GLU A 478 11.78 22.54 7.75
CA GLU A 478 12.26 23.50 6.75
C GLU A 478 13.63 23.11 6.23
N LYS A 479 14.54 22.70 7.12
CA LYS A 479 15.92 22.47 6.75
C LYS A 479 16.21 21.07 6.29
N ARG A 480 15.34 20.11 6.61
CA ARG A 480 15.62 18.72 6.26
C ARG A 480 14.48 18.08 5.47
N VAL A 481 13.28 18.00 6.05
CA VAL A 481 12.21 17.26 5.40
C VAL A 481 11.91 17.87 4.02
N ASP A 482 11.82 19.20 3.95
CA ASP A 482 11.51 19.86 2.69
C ASP A 482 12.69 19.95 1.73
N LYS A 483 13.91 19.66 2.18
CA LYS A 483 15.10 19.81 1.35
C LYS A 483 15.61 18.48 0.80
N VAL A 484 15.29 17.37 1.45
CA VAL A 484 15.80 16.06 1.07
C VAL A 484 14.72 15.42 0.22
N LYS A 485 14.91 15.45 -1.09
CA LYS A 485 14.01 14.71 -1.98
C LYS A 485 14.26 13.21 -1.80
N ARG A 486 13.28 12.42 -2.19
CA ARG A 486 13.45 10.99 -2.19
C ARG A 486 14.50 10.58 -3.20
N SER A 487 15.02 9.39 -3.03
CA SER A 487 15.87 8.80 -4.05
C SER A 487 15.19 8.80 -5.41
N PRO A 488 15.91 9.11 -6.49
CA PRO A 488 15.31 9.04 -7.85
C PRO A 488 14.91 7.63 -8.29
N MET A 489 15.31 6.62 -7.54
CA MET A 489 14.92 5.23 -7.81
C MET A 489 13.71 4.82 -6.98
N TRP A 490 13.16 5.72 -6.18
CA TRP A 490 11.97 5.38 -5.42
C TRP A 490 10.85 4.98 -6.35
N ASN A 491 10.48 5.90 -7.24
CA ASN A 491 9.40 5.66 -8.18
C ASN A 491 9.80 4.57 -9.16
N ASN A 492 8.85 3.68 -9.43
CA ASN A 492 9.09 2.45 -10.18
C ASN A 492 7.99 2.18 -11.21
N ILE A 493 7.16 3.17 -11.53
CA ILE A 493 6.02 3.01 -12.41
C ILE A 493 5.73 4.32 -13.11
N ASN A 494 5.15 4.22 -14.30
CA ASN A 494 4.56 5.37 -14.96
C ASN A 494 3.23 5.69 -14.30
N ARG A 495 3.18 6.79 -13.55
CA ARG A 495 1.99 7.06 -12.77
C ARG A 495 0.80 7.55 -13.61
N LYS A 496 1.04 7.96 -14.85
CA LYS A 496 -0.01 8.46 -15.74
C LYS A 496 0.39 8.09 -17.16
N PRO A 497 0.28 6.80 -17.51
CA PRO A 497 0.72 6.41 -18.87
C PRO A 497 -0.05 7.14 -19.95
N LEU A 498 -1.36 7.11 -19.88
CA LEU A 498 -2.24 7.70 -20.87
C LEU A 498 -2.80 9.02 -20.35
N GLU A 499 -2.93 9.98 -21.24
CA GLU A 499 -3.52 11.25 -20.89
C GLU A 499 -5.04 11.10 -20.84
N ASP A 500 -5.67 12.06 -20.17
CA ASP A 500 -7.12 12.07 -20.05
C ASP A 500 -7.76 12.14 -21.41
N GLY A 501 -8.73 11.27 -21.70
CA GLY A 501 -9.38 11.34 -22.99
C GLY A 501 -10.28 10.16 -23.30
N VAL A 502 -10.67 10.08 -24.56
CA VAL A 502 -11.59 9.05 -25.07
C VAL A 502 -10.77 7.95 -25.73
N TYR A 503 -11.03 6.72 -25.34
CA TYR A 503 -10.25 5.57 -25.78
C TYR A 503 -11.21 4.42 -26.02
N THR A 504 -10.72 3.42 -26.74
CA THR A 504 -11.39 2.15 -26.87
C THR A 504 -10.64 1.20 -25.94
N ILE A 505 -11.34 0.12 -25.56
CA ILE A 505 -10.79 -0.88 -24.65
C ILE A 505 -11.18 -2.25 -25.19
N ALA A 506 -10.18 -3.12 -25.35
CA ALA A 506 -10.46 -4.41 -25.98
C ALA A 506 -9.38 -5.40 -25.58
N GLN A 507 -9.53 -6.65 -26.03
CA GLN A 507 -8.41 -7.55 -25.85
C GLN A 507 -7.44 -7.48 -27.02
N PRO A 508 -6.18 -7.89 -26.81
CA PRO A 508 -5.27 -8.03 -27.95
C PRO A 508 -5.89 -8.97 -28.98
N ASP A 509 -6.17 -8.42 -30.16
CA ASP A 509 -6.80 -9.14 -31.28
C ASP A 509 -8.11 -9.83 -30.90
N GLY A 510 -8.99 -9.06 -30.26
CA GLY A 510 -10.27 -9.61 -29.86
C GLY A 510 -11.36 -8.56 -29.81
N LYS A 511 -12.50 -8.91 -29.21
CA LYS A 511 -13.64 -8.02 -29.11
C LYS A 511 -13.34 -6.89 -28.12
N ASP A 512 -14.14 -5.82 -28.19
CA ASP A 512 -13.95 -4.71 -27.25
C ASP A 512 -14.72 -5.01 -25.97
N LEU A 513 -14.68 -4.07 -25.03
CA LEU A 513 -15.29 -4.23 -23.71
C LEU A 513 -16.44 -3.26 -23.56
N GLN A 514 -17.61 -3.79 -23.24
CA GLN A 514 -18.77 -2.96 -23.02
C GLN A 514 -19.37 -3.25 -21.66
N LEU A 515 -20.18 -2.29 -21.19
CA LEU A 515 -20.69 -2.35 -19.83
C LEU A 515 -22.00 -1.55 -19.73
N SER A 516 -23.08 -2.28 -19.45
CA SER A 516 -24.38 -1.73 -19.09
C SER A 516 -24.94 -2.61 -17.97
N GLY A 517 -24.93 -2.11 -16.75
CA GLY A 517 -25.24 -2.96 -15.62
C GLY A 517 -24.14 -3.96 -15.33
N ASN A 518 -24.06 -5.03 -16.10
CA ASN A 518 -22.92 -5.93 -16.01
C ASN A 518 -21.94 -5.56 -17.11
N ALA A 519 -20.73 -6.11 -17.02
CA ALA A 519 -19.69 -5.88 -18.01
C ALA A 519 -19.56 -7.16 -18.82
N SER A 520 -19.10 -7.01 -20.06
CA SER A 520 -18.99 -8.17 -20.93
C SER A 520 -18.06 -7.82 -22.08
N LEU A 521 -17.67 -8.85 -22.84
CA LEU A 521 -16.84 -8.71 -24.02
C LEU A 521 -17.83 -8.32 -25.10
N GLY A 522 -17.90 -7.02 -25.39
CA GLY A 522 -18.90 -6.46 -26.28
C GLY A 522 -18.36 -6.31 -27.69
N GLY A 523 -17.85 -5.13 -28.01
CA GLY A 523 -17.47 -4.86 -29.38
C GLY A 523 -17.99 -3.47 -29.76
N ASN A 524 -17.16 -2.60 -30.32
CA ASN A 524 -17.53 -1.22 -30.69
C ASN A 524 -18.04 -0.52 -29.42
N ASP A 525 -17.13 -0.07 -28.55
CA ASP A 525 -17.63 0.69 -27.43
C ASP A 525 -16.53 1.66 -27.00
N GLU A 526 -16.94 2.85 -26.59
CA GLU A 526 -16.02 3.90 -26.19
C GLU A 526 -15.95 4.00 -24.67
N TRP A 527 -14.79 4.40 -24.19
CA TRP A 527 -14.53 4.65 -22.79
C TRP A 527 -13.87 6.00 -22.66
N THR A 528 -13.93 6.56 -21.46
CA THR A 528 -13.28 7.82 -21.17
C THR A 528 -12.44 7.62 -19.93
N LEU A 529 -11.13 7.78 -20.09
CA LEU A 529 -10.18 7.70 -18.98
C LEU A 529 -10.02 9.09 -18.39
N THR A 530 -10.10 9.16 -17.06
CA THR A 530 -9.92 10.40 -16.31
C THR A 530 -8.93 10.07 -15.21
N SER A 531 -7.73 10.65 -15.30
CA SER A 531 -6.69 10.37 -14.31
C SER A 531 -7.08 11.00 -13.00
N THR A 532 -6.51 10.46 -11.92
CA THR A 532 -6.79 10.93 -10.58
C THR A 532 -5.51 11.39 -9.91
N PRO A 533 -5.61 12.23 -8.87
CA PRO A 533 -4.38 12.76 -8.26
C PRO A 533 -3.50 11.69 -7.61
N ASP A 534 -4.08 10.59 -7.10
CA ASP A 534 -3.31 9.47 -6.58
C ASP A 534 -2.93 8.46 -7.66
N HIS A 535 -2.97 8.87 -8.94
CA HIS A 535 -2.30 8.17 -10.04
C HIS A 535 -3.08 6.92 -10.45
N TYR A 536 -4.41 7.00 -10.39
CA TYR A 536 -5.32 5.96 -10.85
C TYR A 536 -6.14 6.51 -12.03
N TYR A 537 -7.05 5.70 -12.57
CA TYR A 537 -7.88 6.13 -13.67
C TYR A 537 -9.33 5.77 -13.42
N GLN A 538 -10.24 6.68 -13.78
CA GLN A 538 -11.65 6.37 -13.89
C GLN A 538 -12.00 6.00 -15.33
N LEU A 539 -12.66 4.84 -15.52
CA LEU A 539 -13.05 4.31 -16.81
C LEU A 539 -14.57 4.46 -16.94
N LYS A 540 -15.00 5.45 -17.70
CA LYS A 540 -16.41 5.76 -17.88
C LYS A 540 -16.87 5.15 -19.19
N ASN A 541 -17.81 4.20 -19.13
CA ASN A 541 -18.37 3.68 -20.37
C ASN A 541 -19.26 4.74 -20.97
N MET A 542 -18.87 5.19 -22.15
CA MET A 542 -19.56 6.31 -22.78
C MET A 542 -20.88 5.96 -23.46
N THR A 543 -21.26 4.70 -23.48
CA THR A 543 -22.57 4.31 -23.98
C THR A 543 -23.60 4.21 -22.85
N SER A 544 -23.26 3.45 -21.80
CA SER A 544 -24.08 3.31 -20.59
C SER A 544 -24.02 4.49 -19.63
N ASN A 545 -23.07 5.40 -19.78
CA ASN A 545 -22.89 6.54 -18.89
C ASN A 545 -22.56 6.13 -17.46
N GLU A 546 -22.28 4.85 -17.22
CA GLU A 546 -21.94 4.37 -15.88
C GLU A 546 -20.46 3.99 -15.91
N CYS A 547 -19.85 3.96 -14.73
CA CYS A 547 -18.43 3.74 -14.54
C CYS A 547 -18.16 2.30 -14.12
N LEU A 548 -17.02 1.77 -14.58
CA LEU A 548 -16.62 0.42 -14.20
C LEU A 548 -16.20 0.42 -12.74
N SER A 549 -16.74 -0.51 -11.95
CA SER A 549 -16.47 -0.53 -10.52
C SER A 549 -16.49 -1.96 -10.01
N VAL A 550 -16.08 -2.12 -8.74
CA VAL A 550 -16.12 -3.40 -8.04
C VAL A 550 -16.67 -3.22 -6.64
N VAL A 551 -17.94 -3.57 -6.44
CA VAL A 551 -18.61 -3.34 -5.16
C VAL A 551 -19.41 -4.55 -4.70
N SER A 552 -19.60 -5.52 -5.60
CA SER A 552 -20.41 -6.68 -5.33
C SER A 552 -19.54 -7.90 -5.11
N GLY A 553 -19.74 -8.59 -3.98
CA GLY A 553 -19.03 -9.81 -3.68
C GLY A 553 -18.58 -9.98 -2.24
N TYR A 554 -17.90 -11.07 -1.97
CA TYR A 554 -17.35 -11.30 -0.64
C TYR A 554 -16.31 -10.23 -0.27
N LYS A 555 -16.30 -9.84 1.00
CA LYS A 555 -15.50 -8.70 1.45
C LYS A 555 -14.69 -8.96 2.72
N HIS A 556 -13.61 -8.19 2.85
CA HIS A 556 -12.91 -7.93 4.11
C HIS A 556 -12.68 -6.41 4.19
N LEU A 557 -12.89 -5.84 5.39
CA LEU A 557 -12.73 -4.38 5.64
C LEU A 557 -13.39 -3.53 4.56
N SER A 558 -14.62 -3.89 4.22
CA SER A 558 -15.43 -3.14 3.26
C SER A 558 -14.84 -3.16 1.86
N THR A 559 -13.92 -4.08 1.62
CA THR A 559 -13.26 -4.22 0.33
C THR A 559 -13.53 -5.60 -0.24
N VAL A 560 -13.84 -5.64 -1.53
CA VAL A 560 -14.11 -6.90 -2.22
C VAL A 560 -12.85 -7.73 -2.35
N THR A 561 -12.88 -8.92 -1.74
CA THR A 561 -11.78 -9.86 -1.81
C THR A 561 -12.13 -11.14 -2.55
N GLN A 562 -13.40 -11.33 -2.92
CA GLN A 562 -13.74 -12.50 -3.71
C GLN A 562 -12.93 -12.55 -4.99
N VAL A 563 -12.34 -13.72 -5.21
CA VAL A 563 -11.64 -13.99 -6.43
C VAL A 563 -12.66 -14.24 -7.52
N GLY A 564 -12.37 -13.71 -8.71
CA GLY A 564 -13.37 -13.81 -9.73
C GLY A 564 -14.55 -12.90 -9.55
N ALA A 565 -14.54 -12.02 -8.55
CA ALA A 565 -15.63 -11.07 -8.38
C ALA A 565 -15.93 -10.33 -9.67
N ARG A 566 -17.20 -9.96 -9.82
CA ARG A 566 -17.70 -9.44 -11.08
C ARG A 566 -17.77 -7.93 -11.04
N PRO A 567 -16.92 -7.24 -11.79
CA PRO A 567 -17.06 -5.81 -11.97
C PRO A 567 -18.47 -5.50 -12.45
N GLU A 568 -18.95 -4.30 -12.11
CA GLU A 568 -20.30 -3.93 -12.47
C GLU A 568 -20.32 -2.44 -12.76
N ALA A 569 -21.45 -1.98 -13.28
CA ALA A 569 -21.61 -0.57 -13.59
C ALA A 569 -22.13 0.18 -12.37
N ARG A 570 -21.59 1.37 -12.15
CA ARG A 570 -22.00 2.17 -11.03
C ARG A 570 -22.09 3.63 -11.44
N PRO A 571 -22.94 4.40 -10.78
CA PRO A 571 -22.99 5.85 -11.08
C PRO A 571 -21.62 6.50 -10.95
N CYS A 572 -21.23 7.26 -11.98
CA CYS A 572 -19.93 7.93 -11.93
C CYS A 572 -19.96 9.07 -10.94
N VAL A 573 -18.93 9.12 -10.11
CA VAL A 573 -18.84 10.08 -9.02
C VAL A 573 -17.57 10.91 -9.17
N ASP A 574 -17.34 11.83 -8.22
CA ASP A 574 -16.17 12.69 -8.25
C ASP A 574 -14.93 11.92 -7.82
N VAL A 575 -13.87 12.00 -8.61
CA VAL A 575 -12.63 11.28 -8.33
C VAL A 575 -11.45 12.25 -8.38
N SER A 576 -11.72 13.55 -8.20
CA SER A 576 -10.71 14.58 -8.35
C SER A 576 -9.95 14.89 -7.06
N GLN A 577 -10.40 14.40 -5.91
CA GLN A 577 -9.81 14.72 -4.62
C GLN A 577 -9.10 13.49 -4.07
N THR A 578 -8.07 13.74 -3.27
CA THR A 578 -7.33 12.72 -2.53
C THR A 578 -7.25 13.13 -1.07
N PHE A 579 -7.10 12.15 -0.17
CA PHE A 579 -7.25 12.44 1.25
C PHE A 579 -6.16 11.78 2.08
N THR A 580 -5.46 12.59 2.87
CA THR A 580 -4.45 12.13 3.82
C THR A 580 -4.56 12.95 5.09
N GLY A 581 -3.71 12.65 6.06
CA GLY A 581 -3.72 13.38 7.33
C GLY A 581 -5.08 13.20 8.00
N ASN A 582 -5.79 14.30 8.20
CA ASN A 582 -7.10 14.25 8.82
C ASN A 582 -8.21 13.72 7.90
N GLN A 583 -7.95 13.67 6.60
CA GLN A 583 -8.96 13.23 5.64
C GLN A 583 -10.19 14.13 5.70
N THR A 584 -9.97 15.42 5.97
CA THR A 584 -11.06 16.40 5.97
C THR A 584 -11.84 16.31 4.67
N GLY A 585 -13.15 16.11 4.78
CA GLY A 585 -14.01 16.08 3.61
C GLY A 585 -14.07 14.77 2.88
N ASN A 586 -13.48 13.70 3.43
CA ASN A 586 -13.46 12.40 2.77
C ASN A 586 -14.80 11.70 2.94
N VAL A 587 -15.69 11.91 1.98
CA VAL A 587 -16.96 11.19 1.91
C VAL A 587 -17.08 10.57 0.52
N GLY A 588 -17.86 9.50 0.43
CA GLY A 588 -18.04 8.87 -0.85
C GLY A 588 -16.97 7.87 -1.22
N TYR A 589 -16.08 7.52 -0.29
CA TYR A 589 -15.00 6.60 -0.64
C TYR A 589 -15.58 5.24 -1.03
N GLU A 590 -16.77 4.87 -0.51
CA GLU A 590 -17.33 3.56 -0.87
C GLU A 590 -17.59 3.43 -2.36
N GLU A 591 -17.94 4.51 -3.05
CA GLU A 591 -18.11 4.47 -4.49
C GLU A 591 -16.90 4.97 -5.25
N ARG A 592 -16.18 5.95 -4.69
CA ARG A 592 -15.11 6.60 -5.42
C ARG A 592 -13.98 5.62 -5.69
N ASN A 593 -13.49 4.95 -4.65
CA ASN A 593 -12.22 4.26 -4.74
C ASN A 593 -12.39 2.91 -5.45
N PRO A 594 -13.51 2.18 -5.27
CA PRO A 594 -13.76 1.01 -6.14
C PRO A 594 -13.88 1.34 -7.63
N GLN A 595 -14.13 2.59 -7.95
CA GLN A 595 -14.18 3.11 -9.32
C GLN A 595 -12.83 3.48 -9.92
N LYS A 596 -11.77 3.46 -9.14
CA LYS A 596 -10.46 3.91 -9.57
C LYS A 596 -9.63 2.70 -9.99
N TRP A 597 -8.78 2.89 -11.00
CA TRP A 597 -8.05 1.77 -11.57
C TRP A 597 -6.61 2.15 -11.85
N MET A 598 -5.68 1.27 -11.49
CA MET A 598 -4.28 1.42 -11.86
C MET A 598 -4.10 0.82 -13.26
N LEU A 599 -3.45 1.58 -14.13
CA LEU A 599 -3.16 1.18 -15.51
C LEU A 599 -1.64 1.05 -15.64
N LEU A 600 -1.18 -0.17 -15.83
CA LEU A 600 0.24 -0.47 -15.90
C LEU A 600 0.63 -0.66 -17.35
N ASP A 601 1.58 0.15 -17.82
CA ASP A 601 2.00 0.05 -19.21
C ASP A 601 2.55 -1.35 -19.42
N ALA A 602 1.91 -2.12 -20.29
CA ALA A 602 2.39 -3.45 -20.64
C ALA A 602 3.13 -3.44 -21.96
N GLY A 603 3.44 -2.26 -22.49
CA GLY A 603 4.18 -2.17 -23.71
C GLY A 603 3.29 -2.40 -24.91
N ASP A 604 3.55 -1.69 -26.00
CA ASP A 604 2.85 -1.90 -27.27
C ASP A 604 1.35 -1.62 -27.14
N GLY A 605 1.01 -0.61 -26.35
CA GLY A 605 -0.36 -0.21 -26.17
C GLY A 605 -1.18 -1.08 -25.25
N LYS A 606 -0.62 -2.17 -24.75
CA LYS A 606 -1.31 -3.06 -23.83
C LYS A 606 -1.17 -2.54 -22.40
N PHE A 607 -2.12 -2.94 -21.53
CA PHE A 607 -2.16 -2.40 -20.18
C PHE A 607 -2.70 -3.45 -19.22
N LYS A 608 -1.97 -3.71 -18.13
CA LYS A 608 -2.55 -4.42 -16.99
C LYS A 608 -3.46 -3.46 -16.26
N VAL A 609 -4.68 -3.90 -15.98
CA VAL A 609 -5.71 -3.06 -15.38
C VAL A 609 -6.00 -3.67 -14.01
N VAL A 610 -5.65 -2.94 -12.95
CA VAL A 610 -5.74 -3.45 -11.58
C VAL A 610 -6.64 -2.52 -10.79
N ASN A 611 -7.63 -3.08 -10.10
CA ASN A 611 -8.47 -2.26 -9.24
C ASN A 611 -7.63 -1.61 -8.15
N ALA A 612 -7.99 -0.38 -7.81
CA ALA A 612 -7.13 0.39 -6.92
C ALA A 612 -7.11 -0.08 -5.47
N VAL A 613 -8.15 -0.78 -4.98
CA VAL A 613 -8.24 -1.10 -3.56
C VAL A 613 -8.47 -2.60 -3.30
N THR A 614 -9.17 -3.26 -4.22
CA THR A 614 -9.26 -4.70 -4.21
C THR A 614 -7.96 -5.28 -4.76
N LEU A 615 -7.27 -4.45 -5.57
CA LEU A 615 -5.91 -4.73 -6.13
C LEU A 615 -5.92 -6.00 -6.95
N GLN A 616 -7.02 -6.29 -7.63
CA GLN A 616 -7.06 -7.39 -8.58
C GLN A 616 -7.21 -6.88 -10.01
N ARG A 617 -6.76 -7.68 -10.96
CA ARG A 617 -6.67 -7.30 -12.36
C ARG A 617 -7.94 -7.58 -13.14
N LEU A 618 -8.41 -6.57 -13.86
CA LEU A 618 -9.44 -6.75 -14.87
C LEU A 618 -9.02 -7.84 -15.85
N ALA A 619 -9.83 -8.89 -15.96
CA ALA A 619 -9.45 -10.10 -16.66
C ALA A 619 -10.68 -10.61 -17.41
N VAL A 620 -10.43 -11.52 -18.34
CA VAL A 620 -11.47 -12.25 -19.06
C VAL A 620 -11.35 -13.68 -18.57
N ALA A 621 -12.34 -14.12 -17.81
CA ALA A 621 -12.30 -15.46 -17.24
C ALA A 621 -12.14 -16.48 -18.36
N LYS A 622 -11.63 -17.66 -18.01
CA LYS A 622 -11.37 -18.71 -18.98
C LYS A 622 -12.25 -19.93 -18.78
N GLY A 623 -12.93 -20.06 -17.65
CA GLY A 623 -13.68 -21.24 -17.36
C GLY A 623 -12.86 -22.36 -16.78
N THR A 624 -11.55 -22.15 -16.58
CA THR A 624 -10.70 -23.20 -16.04
C THR A 624 -10.04 -22.78 -14.73
N GLU A 625 -10.35 -21.61 -14.21
CA GLU A 625 -9.77 -21.20 -12.95
C GLU A 625 -10.54 -21.76 -11.75
N GLU A 626 -9.80 -22.20 -10.73
CA GLU A 626 -10.28 -22.78 -9.48
C GLU A 626 -9.76 -22.00 -8.29
N HIS A 627 -10.67 -21.80 -7.33
CA HIS A 627 -10.41 -21.16 -6.04
C HIS A 627 -11.59 -21.37 -5.12
N ILE A 628 -11.28 -21.34 -3.82
CA ILE A 628 -12.28 -21.62 -2.79
C ILE A 628 -13.46 -20.67 -2.95
N ASP A 629 -13.20 -19.41 -3.32
CA ASP A 629 -14.28 -18.45 -3.40
C ASP A 629 -15.32 -18.91 -4.43
N PHE A 630 -14.94 -19.81 -5.35
CA PHE A 630 -15.87 -20.35 -6.35
C PHE A 630 -16.82 -21.40 -5.78
N THR A 631 -16.64 -21.80 -4.53
CA THR A 631 -17.46 -22.88 -3.99
C THR A 631 -18.09 -22.54 -2.65
N THR A 632 -17.40 -21.82 -1.78
CA THR A 632 -17.92 -21.52 -0.46
C THR A 632 -17.17 -20.30 0.05
N PHE A 633 -17.68 -19.74 1.14
CA PHE A 633 -16.98 -18.64 1.81
C PHE A 633 -17.57 -18.61 3.20
N ASN A 634 -16.71 -18.72 4.20
CA ASN A 634 -17.08 -18.60 5.60
C ASN A 634 -18.21 -19.55 5.96
N GLY A 635 -18.09 -20.81 5.55
CA GLY A 635 -19.07 -21.80 5.91
C GLY A 635 -20.31 -21.85 5.05
N VAL A 636 -20.66 -20.75 4.38
CA VAL A 636 -21.85 -20.72 3.52
C VAL A 636 -21.40 -21.08 2.11
N ALA A 637 -21.98 -22.14 1.57
CA ALA A 637 -21.58 -22.66 0.27
C ALA A 637 -22.42 -22.08 -0.86
N LYS A 638 -21.71 -21.53 -1.86
CA LYS A 638 -22.34 -21.02 -3.07
C LYS A 638 -21.27 -20.96 -4.16
N ASP A 639 -21.70 -21.34 -5.37
CA ASP A 639 -20.83 -21.47 -6.52
C ASP A 639 -20.81 -20.15 -7.28
N THR A 640 -19.60 -19.64 -7.48
CA THR A 640 -19.40 -18.38 -8.19
C THR A 640 -18.44 -18.51 -9.36
N LYS A 641 -18.20 -19.72 -9.84
CA LYS A 641 -17.22 -19.99 -10.89
C LYS A 641 -17.51 -19.17 -12.14
N PRO A 642 -16.55 -18.37 -12.62
CA PRO A 642 -16.78 -17.65 -13.89
C PRO A 642 -16.69 -18.55 -15.09
N ALA A 643 -17.57 -18.34 -16.07
CA ALA A 643 -17.52 -19.14 -17.28
C ALA A 643 -16.57 -18.48 -18.28
N ALA A 644 -16.14 -19.26 -19.27
CA ALA A 644 -15.26 -18.75 -20.31
C ALA A 644 -15.87 -17.49 -20.91
N GLY A 645 -15.03 -16.47 -21.11
CA GLY A 645 -15.50 -15.22 -21.66
C GLY A 645 -16.10 -14.25 -20.67
N GLU A 646 -16.28 -14.64 -19.41
CA GLU A 646 -16.86 -13.74 -18.43
C GLU A 646 -15.82 -12.74 -17.97
N ILE A 647 -16.23 -11.52 -17.75
CA ILE A 647 -15.33 -10.47 -17.26
C ILE A 647 -15.27 -10.52 -15.75
N VAL A 648 -14.07 -10.49 -15.20
CA VAL A 648 -13.91 -10.63 -13.75
C VAL A 648 -12.66 -9.92 -13.25
N GLN A 649 -12.51 -9.88 -11.93
CA GLN A 649 -11.27 -9.47 -11.32
C GLN A 649 -10.53 -10.73 -10.87
N PHE A 650 -9.20 -10.72 -11.02
CA PHE A 650 -8.37 -11.88 -10.66
C PHE A 650 -7.08 -11.44 -9.99
N PRO A 651 -6.62 -12.16 -8.94
CA PRO A 651 -5.25 -11.88 -8.47
C PRO A 651 -4.20 -11.93 -9.57
N ASP A 652 -3.05 -11.29 -9.34
CA ASP A 652 -2.01 -11.17 -10.37
C ASP A 652 -1.50 -12.53 -10.83
N ASP A 653 -1.47 -13.50 -9.93
CA ASP A 653 -0.85 -14.79 -10.18
C ASP A 653 -1.80 -15.79 -10.82
N MET A 654 -2.99 -15.35 -11.22
CA MET A 654 -3.98 -16.21 -11.86
C MET A 654 -4.42 -15.61 -13.18
N THR A 655 -3.60 -14.72 -13.75
CA THR A 655 -4.00 -14.08 -14.98
C THR A 655 -2.83 -13.35 -15.63
N ASP A 656 -2.77 -13.43 -16.96
CA ASP A 656 -1.90 -12.62 -17.78
C ASP A 656 -2.70 -11.67 -18.64
N ASP A 657 -4.03 -11.73 -18.54
CA ASP A 657 -4.90 -10.90 -19.35
C ASP A 657 -4.50 -9.45 -19.17
N VAL A 658 -4.03 -8.84 -20.26
CA VAL A 658 -3.84 -7.41 -20.34
C VAL A 658 -4.94 -6.83 -21.22
N TRP A 659 -4.97 -5.50 -21.29
CA TRP A 659 -6.01 -4.81 -22.05
C TRP A 659 -5.43 -3.76 -22.95
N THR A 660 -5.84 -3.80 -24.22
CA THR A 660 -5.48 -2.79 -25.20
C THR A 660 -6.37 -1.57 -24.97
N ILE A 661 -5.76 -0.44 -24.56
CA ILE A 661 -6.43 0.85 -24.40
C ILE A 661 -5.78 1.81 -25.40
N LYS A 662 -6.60 2.38 -26.29
CA LYS A 662 -6.07 3.21 -27.37
C LYS A 662 -7.05 4.31 -27.65
N PRO A 663 -6.61 5.51 -28.03
CA PRO A 663 -7.61 6.54 -28.36
C PRO A 663 -8.53 6.08 -29.49
N SER A 664 -9.78 6.55 -29.45
CA SER A 664 -10.82 6.00 -30.31
C SER A 664 -10.56 6.30 -31.78
N THR A 665 -11.02 5.38 -32.62
CA THR A 665 -10.90 5.53 -34.05
C THR A 665 -12.16 6.06 -34.73
N ARG A 666 -13.27 6.18 -34.01
CA ARG A 666 -14.55 6.45 -34.67
C ARG A 666 -14.50 7.69 -35.56
N SER A 667 -15.02 7.54 -36.77
CA SER A 667 -15.15 8.61 -37.75
C SER A 667 -16.10 9.74 -37.34
N ILE A 668 -17.04 9.49 -36.45
CA ILE A 668 -17.96 10.55 -36.05
C ILE A 668 -17.72 10.77 -34.56
N SER A 669 -17.92 12.00 -34.12
CA SER A 669 -17.80 12.33 -32.71
C SER A 669 -18.79 13.43 -32.40
N ALA A 670 -19.51 13.31 -31.30
CA ALA A 670 -20.53 14.27 -30.94
C ALA A 670 -20.23 14.83 -29.56
N ILE A 671 -20.51 16.11 -29.37
CA ILE A 671 -20.32 16.78 -28.10
C ILE A 671 -21.60 17.56 -27.85
N ALA A 672 -22.16 17.43 -26.66
CA ALA A 672 -23.36 18.17 -26.34
C ALA A 672 -23.14 19.08 -25.14
N GLU A 673 -23.46 20.36 -25.32
CA GLU A 673 -23.34 21.34 -24.24
C GLU A 673 -24.60 22.21 -24.25
N ALA A 674 -25.13 22.44 -23.08
CA ALA A 674 -26.34 23.18 -22.76
C ALA A 674 -26.00 24.56 -22.26
N THR A 675 -26.92 25.48 -22.44
CA THR A 675 -26.61 26.80 -21.90
C THR A 675 -27.93 27.40 -21.36
N PRO A 676 -28.05 27.70 -20.07
CA PRO A 676 -27.15 27.53 -18.91
C PRO A 676 -26.80 26.17 -18.34
N LYS A 677 -25.91 26.11 -17.34
CA LYS A 677 -25.71 24.83 -16.63
C LYS A 677 -26.91 24.51 -15.74
N GLN A 678 -27.79 25.49 -15.50
CA GLN A 678 -28.98 25.32 -14.66
C GLN A 678 -30.20 25.72 -15.49
N ALA A 679 -31.31 25.01 -15.26
CA ALA A 679 -32.57 25.23 -15.94
C ALA A 679 -33.66 25.21 -14.89
N TYR A 680 -34.73 25.97 -15.11
CA TYR A 680 -35.83 26.01 -14.15
C TYR A 680 -37.16 25.88 -14.90
N ALA A 681 -38.18 25.36 -14.20
CA ALA A 681 -39.48 25.17 -14.81
C ALA A 681 -39.97 26.53 -15.29
N SER A 682 -40.49 26.58 -16.51
CA SER A 682 -40.91 27.86 -17.08
C SER A 682 -42.06 27.67 -18.06
N LYS A 683 -43.05 28.57 -17.96
CA LYS A 683 -44.15 28.55 -18.92
C LYS A 683 -43.90 29.33 -20.20
N ASP A 684 -42.91 30.22 -20.23
CA ASP A 684 -42.51 30.91 -21.46
C ASP A 684 -41.20 30.35 -21.97
N GLY A 685 -40.59 29.41 -21.23
CA GLY A 685 -39.36 28.81 -21.65
C GLY A 685 -38.11 29.56 -21.23
N SER A 686 -38.24 30.62 -20.44
CA SER A 686 -37.02 31.34 -20.08
C SER A 686 -36.06 30.47 -19.29
N GLY A 687 -36.55 29.55 -18.46
CA GLY A 687 -35.58 28.70 -17.83
C GLY A 687 -35.23 27.48 -18.66
N ALA A 688 -35.71 27.43 -19.90
CA ALA A 688 -35.45 26.31 -20.81
C ALA A 688 -34.01 26.35 -21.29
N SER A 689 -33.24 25.30 -21.03
CA SER A 689 -31.88 25.24 -21.53
C SER A 689 -31.81 24.61 -22.91
N THR A 690 -31.09 25.30 -23.80
CA THR A 690 -30.87 24.90 -25.19
C THR A 690 -29.59 24.06 -25.20
N ILE A 691 -29.77 22.79 -25.55
CA ILE A 691 -28.67 21.86 -25.66
C ILE A 691 -28.20 21.79 -27.11
N ASP A 692 -27.10 22.51 -27.38
CA ASP A 692 -26.45 22.45 -28.68
C ASP A 692 -25.61 21.19 -28.74
N VAL A 693 -25.89 20.31 -29.69
CA VAL A 693 -25.06 19.13 -29.94
C VAL A 693 -24.38 19.35 -31.29
N THR A 694 -23.06 19.17 -31.33
CA THR A 694 -22.24 19.45 -32.50
C THR A 694 -21.48 18.17 -32.86
N VAL A 695 -21.65 17.70 -34.11
CA VAL A 695 -21.03 16.49 -34.63
C VAL A 695 -19.80 16.87 -35.44
N ALA A 696 -18.77 16.03 -35.36
CA ALA A 696 -17.48 16.29 -35.96
C ALA A 696 -17.05 15.06 -36.75
N ASN A 697 -16.63 15.33 -37.99
CA ASN A 697 -16.06 14.32 -38.87
C ASN A 697 -14.56 14.18 -38.63
N ASN A 698 -14.16 13.02 -38.16
CA ASN A 698 -12.78 12.77 -37.81
C ASN A 698 -11.98 12.28 -39.00
N SER A 699 -12.49 11.30 -39.76
CA SER A 699 -11.67 10.71 -40.80
C SER A 699 -11.95 11.37 -42.14
N LYS A 700 -11.43 10.77 -43.21
CA LYS A 700 -11.40 11.44 -44.52
C LYS A 700 -12.42 10.77 -45.42
N GLU A 701 -13.69 11.11 -45.24
CA GLU A 701 -14.75 10.76 -46.18
C GLU A 701 -16.04 11.49 -45.82
N LYS A 702 -16.64 12.17 -46.80
CA LYS A 702 -17.87 12.92 -46.56
C LYS A 702 -18.99 12.05 -45.99
N VAL A 703 -19.37 12.32 -44.73
CA VAL A 703 -20.50 11.66 -44.07
C VAL A 703 -21.77 12.45 -44.38
N SER A 704 -22.87 11.73 -44.62
CA SER A 704 -24.13 12.39 -44.96
C SER A 704 -25.26 11.75 -44.17
N ASN A 705 -26.38 12.46 -44.12
CA ASN A 705 -27.58 12.00 -43.42
C ASN A 705 -27.29 11.62 -41.97
N VAL A 706 -26.83 12.64 -41.24
CA VAL A 706 -26.52 12.48 -39.83
C VAL A 706 -27.76 12.80 -39.00
N VAL A 707 -28.24 11.81 -38.29
CA VAL A 707 -29.46 11.92 -37.50
C VAL A 707 -29.10 12.07 -36.05
N VAL A 708 -29.70 13.09 -35.43
CA VAL A 708 -29.52 13.42 -34.03
C VAL A 708 -30.88 13.29 -33.35
N THR A 709 -30.99 12.32 -32.46
CA THR A 709 -32.22 11.98 -31.78
C THR A 709 -32.18 12.42 -30.32
N PRO A 710 -33.15 13.22 -29.88
CA PRO A 710 -33.13 13.72 -28.50
C PRO A 710 -33.61 12.65 -27.52
N PRO A 711 -33.34 12.82 -26.23
CA PRO A 711 -33.83 11.87 -25.23
C PRO A 711 -35.30 12.11 -24.92
N VAL A 712 -35.88 11.21 -24.18
CA VAL A 712 -37.22 11.38 -23.62
C VAL A 712 -37.08 11.17 -22.13
N LYS A 713 -37.66 12.06 -21.30
CA LYS A 713 -37.40 12.02 -19.86
C LYS A 713 -38.64 12.42 -19.07
N ARG A 714 -38.88 11.73 -17.94
CA ARG A 714 -40.00 12.06 -17.06
C ARG A 714 -39.91 13.52 -16.63
N GLY A 715 -41.07 14.15 -16.53
CA GLY A 715 -41.14 15.48 -15.97
C GLY A 715 -40.37 16.55 -16.72
N TRP A 716 -40.08 16.33 -18.00
CA TRP A 716 -39.43 17.34 -18.81
C TRP A 716 -40.18 17.53 -20.13
N HIS A 717 -40.30 18.78 -20.57
CA HIS A 717 -40.77 19.06 -21.94
C HIS A 717 -39.53 19.16 -22.83
N ILE A 718 -39.40 18.25 -23.77
CA ILE A 718 -38.27 18.22 -24.70
C ILE A 718 -38.84 18.17 -26.10
N ASP A 719 -38.19 18.89 -27.01
CA ASP A 719 -38.53 18.82 -28.43
C ASP A 719 -38.55 17.35 -28.83
N LYS A 720 -39.66 16.89 -29.37
CA LYS A 720 -39.80 15.46 -29.63
C LYS A 720 -39.06 15.04 -30.89
N GLU A 721 -38.89 15.98 -31.84
CA GLU A 721 -38.47 15.45 -33.15
C GLU A 721 -36.97 15.44 -33.29
N PRO A 722 -36.44 14.46 -34.03
CA PRO A 722 -35.01 14.46 -34.35
C PRO A 722 -34.64 15.49 -35.41
N LYS A 723 -33.39 15.91 -35.38
CA LYS A 723 -32.81 16.79 -36.38
C LYS A 723 -31.79 16.04 -37.21
N THR A 724 -31.61 16.46 -38.47
CA THR A 724 -30.72 15.76 -39.38
C THR A 724 -29.80 16.82 -40.00
N ILE A 725 -28.53 16.47 -40.19
CA ILE A 725 -27.57 17.32 -40.91
C ILE A 725 -27.23 16.64 -42.22
N ALA A 726 -27.52 17.35 -43.32
CA ALA A 726 -27.38 16.82 -44.68
C ALA A 726 -25.94 16.43 -44.97
N HIS A 727 -25.00 17.34 -44.72
CA HIS A 727 -23.61 16.97 -44.97
C HIS A 727 -22.61 17.61 -44.06
N ILE A 728 -21.57 16.81 -43.80
CA ILE A 728 -20.34 17.17 -43.08
C ILE A 728 -19.14 16.53 -43.76
N ALA A 729 -18.12 17.34 -44.01
CA ALA A 729 -16.93 16.92 -44.74
C ALA A 729 -15.86 16.56 -43.73
N PRO A 730 -14.80 15.84 -44.14
CA PRO A 730 -13.73 15.49 -43.20
C PRO A 730 -13.19 16.74 -42.50
N GLY A 731 -12.89 16.59 -41.20
CA GLY A 731 -12.34 17.68 -40.42
C GLY A 731 -13.24 18.87 -40.24
N GLU A 732 -14.54 18.68 -40.44
CA GLU A 732 -15.53 19.73 -40.29
C GLU A 732 -16.41 19.38 -39.09
N SER A 733 -17.39 20.24 -38.82
CA SER A 733 -18.30 20.06 -37.71
C SER A 733 -19.60 20.75 -38.09
N ALA A 734 -20.70 20.22 -37.57
CA ALA A 734 -22.03 20.76 -37.81
C ALA A 734 -22.79 20.81 -36.50
N LYS A 735 -23.71 21.76 -36.39
CA LYS A 735 -24.36 21.98 -35.10
C LYS A 735 -25.88 22.04 -35.21
N VAL A 736 -26.56 21.31 -34.30
CA VAL A 736 -28.00 21.40 -34.14
C VAL A 736 -28.34 21.43 -32.64
N SER A 737 -29.41 22.13 -32.33
CA SER A 737 -29.81 22.49 -30.98
C SER A 737 -31.24 22.04 -30.69
N PHE A 738 -31.44 21.48 -29.51
CA PHE A 738 -32.78 21.13 -29.05
C PHE A 738 -33.11 21.84 -27.74
N GLN A 739 -34.37 22.19 -27.47
CA GLN A 739 -34.68 22.89 -26.23
C GLN A 739 -35.37 22.00 -25.18
N VAL A 740 -34.96 22.17 -23.94
CA VAL A 740 -35.45 21.38 -22.83
C VAL A 740 -35.94 22.31 -21.74
N SER A 741 -37.11 22.01 -21.14
CA SER A 741 -37.60 22.87 -20.04
C SER A 741 -38.22 21.93 -19.00
N PRO A 742 -37.86 22.03 -17.72
CA PRO A 742 -38.46 21.14 -16.72
C PRO A 742 -39.89 21.48 -16.35
N GLU A 743 -40.67 20.45 -16.01
CA GLU A 743 -42.02 20.67 -15.53
C GLU A 743 -42.01 20.42 -14.03
N TRP A 744 -42.29 19.20 -13.53
CA TRP A 744 -42.24 19.00 -12.07
C TRP A 744 -40.89 18.48 -11.58
N TYR A 745 -39.99 18.11 -12.47
CA TYR A 745 -38.70 17.58 -12.07
C TYR A 745 -37.78 18.64 -11.47
N ARG A 746 -37.01 18.21 -10.46
CA ARG A 746 -35.99 19.04 -9.84
C ARG A 746 -34.78 18.15 -9.57
N GLY A 747 -33.58 18.73 -9.68
CA GLY A 747 -32.31 18.10 -9.42
C GLY A 747 -31.48 17.88 -10.69
N ASP A 748 -30.41 17.11 -10.52
CA ASP A 748 -29.47 16.81 -11.60
C ASP A 748 -30.13 15.96 -12.67
N ALA A 749 -29.89 16.31 -13.94
CA ALA A 749 -30.50 15.54 -15.02
C ALA A 749 -29.55 15.37 -16.20
N GLN A 750 -29.31 14.13 -16.58
CA GLN A 750 -28.45 13.78 -17.68
C GLN A 750 -29.31 13.63 -18.92
N PHE A 751 -28.82 14.14 -20.04
CA PHE A 751 -29.56 14.19 -21.29
C PHE A 751 -28.65 13.49 -22.28
N GLU A 752 -29.17 12.45 -22.91
CA GLU A 752 -28.40 11.59 -23.79
C GLU A 752 -28.92 11.78 -25.20
N PHE A 753 -28.03 12.14 -26.12
CA PHE A 753 -28.40 12.39 -27.50
C PHE A 753 -27.73 11.31 -28.34
N ILE A 754 -28.50 10.76 -29.27
CA ILE A 754 -28.03 9.65 -30.09
C ILE A 754 -27.72 10.19 -31.47
N VAL A 755 -26.48 9.97 -31.95
CA VAL A 755 -26.08 10.41 -33.28
C VAL A 755 -25.83 9.15 -34.09
N THR A 756 -26.50 9.06 -35.25
CA THR A 756 -26.40 7.89 -36.10
C THR A 756 -26.01 8.37 -37.50
N ALA A 757 -24.98 7.74 -38.07
CA ALA A 757 -24.48 8.01 -39.41
C ALA A 757 -24.11 6.68 -40.08
N GLY A 758 -24.98 6.23 -40.98
CA GLY A 758 -24.75 4.95 -41.63
C GLY A 758 -24.72 3.84 -40.59
N ASP A 759 -23.66 3.02 -40.63
CA ASP A 759 -23.54 1.93 -39.68
C ASP A 759 -23.02 2.39 -38.32
N GLU A 760 -22.52 3.61 -38.23
CA GLU A 760 -21.87 4.11 -37.03
C GLU A 760 -22.85 4.86 -36.13
N VAL A 761 -22.68 4.68 -34.83
CA VAL A 761 -23.53 5.29 -33.82
C VAL A 761 -22.67 5.73 -32.65
N THR A 762 -22.94 6.93 -32.15
CA THR A 762 -22.26 7.48 -30.98
C THR A 762 -23.28 8.26 -30.16
N LYS A 763 -22.91 8.64 -28.95
CA LYS A 763 -23.78 9.42 -28.09
C LYS A 763 -23.05 10.63 -27.51
N ALA A 764 -23.85 11.64 -27.14
CA ALA A 764 -23.33 12.83 -26.48
C ALA A 764 -24.28 13.22 -25.35
N SER A 765 -23.71 13.42 -24.18
CA SER A 765 -24.47 13.72 -22.98
C SER A 765 -24.23 15.16 -22.55
N ALA A 766 -25.21 15.67 -21.80
CA ALA A 766 -25.12 16.99 -21.21
C ALA A 766 -25.80 16.87 -19.85
N LYS A 767 -25.47 17.78 -18.94
CA LYS A 767 -26.03 17.75 -17.59
C LYS A 767 -26.76 19.07 -17.44
N VAL A 768 -27.93 19.02 -16.81
CA VAL A 768 -28.68 20.24 -16.52
C VAL A 768 -29.31 20.10 -15.15
N LYS A 769 -29.09 21.09 -14.28
CA LYS A 769 -29.76 21.11 -12.99
C LYS A 769 -31.13 21.77 -13.09
N ALA A 770 -32.16 21.07 -12.64
CA ALA A 770 -33.53 21.58 -12.64
C ALA A 770 -33.86 22.20 -11.27
N ILE A 771 -34.05 23.51 -11.23
CA ILE A 771 -34.30 24.23 -9.97
C ILE A 771 -35.67 24.91 -10.03
C1 NAG B . -5.20 -2.05 17.43
C2 NAG B . -5.11 -3.48 16.88
C3 NAG B . -5.05 -3.49 15.35
C4 NAG B . -5.83 -2.31 14.76
C5 NAG B . -5.15 -1.01 15.17
C6 NAG B . -6.10 0.17 15.17
C7 NAG B . -2.73 -3.62 17.55
C8 NAG B . -1.64 -4.50 18.10
N2 NAG B . -3.94 -4.18 17.42
O1 NAG B . -6.51 -1.71 17.76
O3 NAG B . -5.63 -4.72 14.90
O4 NAG B . -5.82 -2.38 13.34
O5 NAG B . -4.60 -1.10 16.49
O6 NAG B . -6.75 0.30 13.92
O7 NAG B . -2.51 -2.45 17.24
H3 NAG B . -4.13 -3.42 15.04
H4 NAG B . -6.74 -2.34 15.10
H5 NAG B . -4.42 -0.84 14.54
H61 NAG B . -5.58 0.98 15.35
H62 NAG B . -6.77 0.05 15.87
H81 NAG B . -0.88 -3.97 18.38
H82 NAG B . -1.36 -5.14 17.41
H83 NAG B . -1.99 -5.00 18.87
HN2 NAG B . -4.04 -5.04 17.69
HO4 NAG B . -6.52 -2.86 13.05
HO6 NAG B . -6.88 1.17 13.74
C1 GAL B . -5.13 -5.20 13.65
C2 GAL B . -4.92 -6.71 13.80
C3 GAL B . -4.51 -7.39 12.50
C4 GAL B . -5.47 -7.04 11.33
C5 GAL B . -5.64 -5.49 11.28
C6 GAL B . -6.65 -4.93 10.23
O2 GAL B . -3.87 -6.98 14.77
O3 GAL B . -4.57 -8.83 12.68
O4 GAL B . -6.73 -7.70 11.48
O5 GAL B . -6.04 -4.95 12.59
O6 GAL B . -6.92 -3.58 10.49
H2 GAL B . -5.89 -7.15 14.07
H3 GAL B . -3.50 -7.04 12.23
H4 GAL B . -5.02 -7.36 10.38
H5 GAL B . -4.66 -5.07 10.99
H61 GAL B . -7.59 -5.48 10.26
H62 GAL B . -6.24 -5.00 9.22
HO2 GAL B . -4.16 -7.68 15.35
HO3 GAL B . -4.71 -9.21 11.79
HO4 GAL B . -6.61 -8.37 12.16
HO6 GAL B . -7.83 -3.45 10.13
NI NI C . -9.34 -6.38 16.34
NI NI D . 1.88 11.21 -6.10
NI NI E . 21.70 24.65 2.76
#